data_9HE7
#
_entry.id   9HE7
#
_cell.length_a   271.960
_cell.length_b   74.864
_cell.length_c   105.826
_cell.angle_alpha   90.00
_cell.angle_beta   111.81
_cell.angle_gamma   90.00
#
_symmetry.space_group_name_H-M   'C 1 2 1'
#
loop_
_entity.id
_entity.type
_entity.pdbx_description
1 polymer 'Heme-thiolate peroxidase'
2 branched alpha-D-mannopyranose-(1-3)-[alpha-D-mannopyranose-(1-6)]beta-D-mannopyranose-(1-4)-2-acetamido-2-deoxy-beta-D-glucopyranose-(1-4)-2-acetamido-2-deoxy-beta-D-glucopyranose
3 branched alpha-D-mannopyranose-(1-3)-[alpha-D-mannopyranose-(1-6)]alpha-D-mannopyranose-(1-6)-[alpha-D-mannopyranose-(1-3)]beta-D-mannopyranose-(1-4)-2-acetamido-2-deoxy-beta-D-glucopyranose-(1-4)-2-acetamido-2-deoxy-beta-D-glucopyranose
4 branched alpha-D-mannopyranose-(1-3)-beta-D-mannopyranose-(1-4)-2-acetamido-2-deoxy-beta-D-glucopyranose-(1-4)-2-acetamido-2-deoxy-beta-D-glucopyranose
5 branched alpha-D-mannopyranose-(1-3)-alpha-D-mannopyranose-(1-6)-[alpha-D-mannopyranose-(1-3)]beta-D-mannopyranose-(1-4)-2-acetamido-2-deoxy-beta-D-glucopyranose-(1-4)-2-acetamido-2-deoxy-beta-D-glucopyranose
6 branched beta-D-mannopyranose-(1-4)-2-acetamido-2-deoxy-beta-D-glucopyranose-(1-4)-2-acetamido-2-deoxy-beta-D-glucopyranose
7 non-polymer 'MYRISTIC ACID'
8 non-polymer GLYCEROL
9 non-polymer '4-(2-HYDROXYETHYL)-1-PIPERAZINE ETHANESULFONIC ACID'
10 non-polymer 'PROTOPORPHYRIN IX CONTAINING FE'
11 non-polymer 'SULFATE ION'
12 non-polymer 'MAGNESIUM ION'
13 water water
#
_entity_poly.entity_id   1
_entity_poly.type   'polypeptide(L)'
_entity_poly.pdbx_seq_one_letter_code
;QGVDPPPPPGPPSFTGTKLVNDADHPWQPLREGDIRGPCPGLNTLASHGYLPRDGVATPAQIITATQEGFNFENNAAIVA
TYLGHLLNGNLVTDLLSIGGATPKTGPPPPPPAHAGGLNVHGTFEGDAGMTRADEFFGDNHSFNQTLFDKFVDFSNRYGG
GFYNLTVAGELRYSRIQDSIATNPEFQFKNVRFITAYGETVFPINLFVDGRVTTDRKLSMEDAASIFRDMRFPDDFHRSA
VPASNEGADQVLAAHPWVPGGNADNQVNNYVEDPDSADFTHLCRLYEFVVGSVQELYPNPTGILRRNLIKNLHYWWTGVN
VAFGGCDELFPYGQL
;
_entity_poly.pdbx_strand_id   A,B,C
#
# COMPACT_ATOMS: atom_id res chain seq x y z
N GLN A 1 -27.95 -26.80 31.99
CA GLN A 1 -28.62 -28.03 31.50
C GLN A 1 -29.17 -27.84 30.07
N GLY A 2 -29.57 -26.61 29.70
CA GLY A 2 -29.78 -26.26 28.31
C GLY A 2 -30.81 -25.13 28.12
N VAL A 3 -30.92 -24.70 26.86
CA VAL A 3 -31.80 -23.61 26.46
C VAL A 3 -32.98 -24.18 25.67
N ASP A 4 -34.11 -23.46 25.67
CA ASP A 4 -35.22 -23.72 24.78
C ASP A 4 -35.14 -22.73 23.61
N PRO A 5 -34.75 -23.14 22.38
CA PRO A 5 -34.42 -22.20 21.30
C PRO A 5 -35.66 -21.58 20.67
N PRO A 6 -35.75 -20.23 20.55
CA PRO A 6 -36.96 -19.59 20.01
C PRO A 6 -36.98 -19.70 18.48
N PRO A 7 -38.14 -19.55 17.84
CA PRO A 7 -38.21 -19.50 16.38
C PRO A 7 -37.40 -18.31 15.86
N PRO A 8 -36.94 -18.36 14.60
CA PRO A 8 -36.12 -17.27 14.06
C PRO A 8 -36.89 -15.96 13.98
N PRO A 9 -36.21 -14.81 14.12
CA PRO A 9 -36.81 -13.52 13.83
C PRO A 9 -37.36 -13.52 12.40
N GLY A 10 -38.40 -12.72 12.20
CA GLY A 10 -38.88 -12.36 10.88
C GLY A 10 -38.11 -11.19 10.31
N PRO A 11 -38.51 -10.68 9.14
CA PRO A 11 -37.85 -9.53 8.50
C PRO A 11 -37.84 -8.32 9.43
N PRO A 12 -36.91 -7.37 9.29
CA PRO A 12 -36.96 -6.16 10.11
C PRO A 12 -38.18 -5.32 9.73
N SER A 13 -38.75 -4.61 10.72
CA SER A 13 -39.84 -3.68 10.53
CA SER A 13 -39.84 -3.68 10.54
C SER A 13 -39.48 -2.62 9.51
N PHE A 14 -38.25 -2.11 9.58
CA PHE A 14 -37.75 -1.13 8.62
C PHE A 14 -36.75 -1.81 7.68
N THR A 15 -37.01 -1.75 6.36
CA THR A 15 -36.20 -2.45 5.37
C THR A 15 -35.51 -1.50 4.41
N GLY A 16 -35.49 -0.20 4.73
CA GLY A 16 -34.81 0.77 3.87
C GLY A 16 -33.32 0.89 4.21
N THR A 17 -32.62 1.79 3.50
CA THR A 17 -31.22 2.04 3.78
C THR A 17 -31.13 2.79 5.10
N LYS A 18 -29.97 2.66 5.74
CA LYS A 18 -29.65 3.43 6.92
C LYS A 18 -28.15 3.33 7.15
N LEU A 19 -27.64 4.26 7.96
CA LEU A 19 -26.26 4.22 8.40
C LEU A 19 -26.08 3.05 9.35
N VAL A 20 -25.15 2.15 9.05
CA VAL A 20 -24.94 1.01 9.92
C VAL A 20 -23.59 1.15 10.61
N ASN A 21 -22.65 1.85 10.00
CA ASN A 21 -21.38 2.14 10.66
C ASN A 21 -21.56 3.41 11.48
N ASP A 22 -22.22 3.28 12.63
CA ASP A 22 -22.67 4.43 13.41
C ASP A 22 -21.96 4.40 14.76
N ALA A 23 -22.26 5.41 15.56
CA ALA A 23 -21.54 5.66 16.80
C ALA A 23 -21.72 4.52 17.77
N ASP A 24 -22.88 3.86 17.71
CA ASP A 24 -23.18 2.78 18.64
C ASP A 24 -22.53 1.46 18.21
N HIS A 25 -21.98 1.38 16.99
CA HIS A 25 -21.41 0.14 16.46
C HIS A 25 -20.00 0.43 15.97
N PRO A 26 -19.08 0.88 16.84
CA PRO A 26 -17.72 1.20 16.43
C PRO A 26 -16.91 -0.07 16.16
N TRP A 27 -16.07 -0.02 15.13
CA TRP A 27 -15.04 -1.05 14.98
C TRP A 27 -14.15 -1.06 16.21
N GLN A 28 -13.83 -2.26 16.70
CA GLN A 28 -12.86 -2.41 17.77
C GLN A 28 -11.96 -3.59 17.46
N PRO A 29 -10.69 -3.53 17.92
CA PRO A 29 -9.74 -4.62 17.71
C PRO A 29 -10.14 -5.86 18.51
N LEU A 30 -9.58 -7.00 18.09
CA LEU A 30 -9.82 -8.27 18.76
C LEU A 30 -9.24 -8.26 20.15
N ARG A 31 -9.94 -8.88 21.09
CA ARG A 31 -9.41 -9.19 22.42
C ARG A 31 -9.08 -10.69 22.48
N GLU A 32 -8.35 -11.08 23.52
CA GLU A 32 -8.04 -12.47 23.78
C GLU A 32 -9.34 -13.26 23.85
N GLY A 33 -9.39 -14.38 23.11
CA GLY A 33 -10.54 -15.26 23.10
C GLY A 33 -11.59 -14.91 22.04
N ASP A 34 -11.48 -13.76 21.38
CA ASP A 34 -12.43 -13.38 20.34
C ASP A 34 -12.25 -14.30 19.14
N ILE A 35 -13.36 -14.76 18.56
CA ILE A 35 -13.34 -15.69 17.45
C ILE A 35 -13.77 -15.00 16.16
N ARG A 36 -13.01 -15.25 15.09
CA ARG A 36 -13.37 -14.82 13.75
C ARG A 36 -13.13 -16.00 12.82
N GLY A 37 -13.73 -15.98 11.63
CA GLY A 37 -13.71 -17.15 10.78
C GLY A 37 -13.74 -16.80 9.29
N PRO A 38 -14.33 -17.69 8.48
CA PRO A 38 -14.25 -17.58 7.03
C PRO A 38 -15.28 -16.65 6.39
N CYS A 39 -16.22 -16.14 7.20
CA CYS A 39 -17.26 -15.27 6.66
C CYS A 39 -16.94 -13.80 6.94
N PRO A 40 -16.72 -12.98 5.91
CA PRO A 40 -16.43 -11.55 6.12
C PRO A 40 -17.64 -10.76 6.61
N GLY A 41 -18.84 -11.25 6.29
CA GLY A 41 -20.07 -10.61 6.78
C GLY A 41 -20.16 -10.72 8.30
N LEU A 42 -20.14 -11.95 8.80
CA LEU A 42 -20.23 -12.19 10.23
C LEU A 42 -19.05 -11.57 10.95
N ASN A 43 -17.84 -11.68 10.36
CA ASN A 43 -16.66 -11.09 10.97
C ASN A 43 -16.85 -9.59 11.20
N THR A 44 -17.31 -8.88 10.17
CA THR A 44 -17.53 -7.43 10.27
C THR A 44 -18.62 -7.11 11.30
N LEU A 45 -19.70 -7.87 11.34
CA LEU A 45 -20.76 -7.66 12.32
C LEU A 45 -20.23 -7.84 13.74
N ALA A 46 -19.37 -8.85 13.95
CA ALA A 46 -18.80 -9.06 15.27
C ALA A 46 -17.87 -7.91 15.64
N SER A 47 -17.06 -7.46 14.70
CA SER A 47 -16.04 -6.47 15.01
C SER A 47 -16.64 -5.06 15.15
N HIS A 48 -17.92 -4.88 14.78
CA HIS A 48 -18.65 -3.65 15.03
C HIS A 48 -19.70 -3.80 16.12
N GLY A 49 -19.80 -4.99 16.74
CA GLY A 49 -20.72 -5.18 17.86
C GLY A 49 -22.19 -5.37 17.47
N TYR A 50 -22.49 -5.63 16.20
CA TYR A 50 -23.80 -6.12 15.81
C TYR A 50 -24.03 -7.54 16.32
N LEU A 51 -22.96 -8.35 16.30
CA LEU A 51 -22.90 -9.62 17.02
C LEU A 51 -22.08 -9.42 18.29
N PRO A 52 -22.17 -10.33 19.28
CA PRO A 52 -21.20 -10.36 20.38
C PRO A 52 -19.79 -10.30 19.79
N ARG A 53 -18.95 -9.43 20.36
CA ARG A 53 -17.63 -9.16 19.82
C ARG A 53 -16.73 -10.38 19.92
N ASP A 54 -17.10 -11.37 20.75
CA ASP A 54 -16.30 -12.58 20.88
C ASP A 54 -16.59 -13.56 19.75
N GLY A 55 -17.55 -13.28 18.87
CA GLY A 55 -17.77 -14.11 17.71
C GLY A 55 -18.54 -15.40 18.00
N VAL A 56 -19.25 -15.44 19.12
CA VAL A 56 -20.11 -16.57 19.45
C VAL A 56 -21.51 -16.02 19.70
N ALA A 57 -22.50 -16.60 19.05
CA ALA A 57 -23.83 -16.03 19.06
C ALA A 57 -24.90 -17.11 18.90
N THR A 58 -26.14 -16.75 19.25
CA THR A 58 -27.29 -17.58 19.00
C THR A 58 -27.70 -17.43 17.55
N PRO A 59 -28.38 -18.42 16.95
CA PRO A 59 -29.00 -18.27 15.65
C PRO A 59 -29.83 -17.00 15.49
N ALA A 60 -30.65 -16.70 16.50
CA ALA A 60 -31.49 -15.51 16.46
C ALA A 60 -30.62 -14.26 16.39
N GLN A 61 -29.54 -14.19 17.17
CA GLN A 61 -28.66 -13.05 17.11
C GLN A 61 -28.02 -12.88 15.73
N ILE A 62 -27.64 -13.99 15.08
CA ILE A 62 -27.03 -13.93 13.77
C ILE A 62 -28.04 -13.40 12.75
N ILE A 63 -29.27 -13.92 12.80
CA ILE A 63 -30.28 -13.51 11.83
C ILE A 63 -30.52 -12.01 11.97
N THR A 64 -30.70 -11.53 13.19
CA THR A 64 -31.01 -10.13 13.41
CA THR A 64 -31.01 -10.12 13.42
C THR A 64 -29.81 -9.27 13.01
N ALA A 65 -28.58 -9.72 13.30
CA ALA A 65 -27.39 -8.95 12.94
C ALA A 65 -27.21 -8.84 11.43
N THR A 66 -27.46 -9.91 10.68
CA THR A 66 -27.27 -9.86 9.23
C THR A 66 -28.35 -8.95 8.62
N GLN A 67 -29.57 -8.97 9.17
CA GLN A 67 -30.63 -8.06 8.73
C GLN A 67 -30.31 -6.62 9.09
N GLU A 68 -29.95 -6.35 10.33
CA GLU A 68 -29.71 -4.98 10.79
C GLU A 68 -28.51 -4.37 10.09
N GLY A 69 -27.42 -5.14 9.94
CA GLY A 69 -26.16 -4.61 9.48
C GLY A 69 -26.06 -4.53 7.96
N PHE A 70 -26.68 -5.50 7.25
CA PHE A 70 -26.51 -5.58 5.82
C PHE A 70 -27.83 -5.67 5.05
N ASN A 71 -28.98 -5.75 5.74
CA ASN A 71 -30.25 -6.01 5.07
C ASN A 71 -30.23 -7.35 4.35
N PHE A 72 -29.55 -8.36 4.92
CA PHE A 72 -29.64 -9.70 4.39
C PHE A 72 -31.11 -10.14 4.46
N GLU A 73 -31.62 -10.70 3.36
CA GLU A 73 -33.03 -11.09 3.30
C GLU A 73 -33.32 -12.22 4.29
N ASN A 74 -34.50 -12.15 4.91
CA ASN A 74 -34.86 -12.98 6.05
C ASN A 74 -34.74 -14.49 5.77
N ASN A 75 -35.30 -14.96 4.66
CA ASN A 75 -35.25 -16.39 4.38
CA ASN A 75 -35.25 -16.38 4.35
C ASN A 75 -33.81 -16.84 4.06
N ALA A 76 -33.05 -16.01 3.34
CA ALA A 76 -31.65 -16.31 3.09
C ALA A 76 -30.88 -16.41 4.42
N ALA A 77 -31.18 -15.52 5.36
CA ALA A 77 -30.57 -15.54 6.68
C ALA A 77 -30.92 -16.83 7.43
N ILE A 78 -32.19 -17.24 7.36
CA ILE A 78 -32.65 -18.45 8.03
C ILE A 78 -31.96 -19.68 7.43
N VAL A 79 -31.89 -19.75 6.09
CA VAL A 79 -31.28 -20.88 5.43
C VAL A 79 -29.79 -21.01 5.81
N ALA A 80 -29.04 -19.91 5.74
CA ALA A 80 -27.62 -19.95 6.06
C ALA A 80 -27.40 -20.23 7.54
N THR A 81 -28.18 -19.61 8.43
CA THR A 81 -27.87 -19.64 9.85
C THR A 81 -28.10 -21.03 10.44
N TYR A 82 -29.26 -21.63 10.14
CA TYR A 82 -29.58 -22.92 10.75
C TYR A 82 -28.80 -24.05 10.07
N LEU A 83 -28.37 -23.85 8.81
CA LEU A 83 -27.44 -24.78 8.18
C LEU A 83 -26.15 -24.80 9.00
N GLY A 84 -25.61 -23.61 9.25
CA GLY A 84 -24.40 -23.48 10.02
C GLY A 84 -24.56 -24.03 11.44
N HIS A 85 -25.70 -23.74 12.07
CA HIS A 85 -25.92 -24.15 13.45
C HIS A 85 -26.11 -25.67 13.56
N LEU A 86 -26.94 -26.27 12.70
CA LEU A 86 -27.18 -27.72 12.74
C LEU A 86 -25.85 -28.50 12.63
N LEU A 87 -24.98 -28.08 11.71
CA LEU A 87 -23.75 -28.79 11.41
C LEU A 87 -22.63 -28.42 12.37
N ASN A 88 -22.60 -27.15 12.83
CA ASN A 88 -21.39 -26.61 13.45
C ASN A 88 -21.63 -25.94 14.79
N GLY A 89 -22.89 -25.85 15.24
CA GLY A 89 -23.17 -25.20 16.51
C GLY A 89 -23.51 -26.19 17.62
N ASN A 90 -23.66 -25.65 18.82
CA ASN A 90 -24.09 -26.38 19.99
C ASN A 90 -25.59 -26.22 20.17
N LEU A 91 -26.34 -27.28 19.90
CA LEU A 91 -27.78 -27.24 19.86
C LEU A 91 -28.39 -27.14 21.27
N VAL A 92 -27.64 -27.56 22.28
CA VAL A 92 -28.13 -27.53 23.65
C VAL A 92 -27.99 -26.13 24.25
N THR A 93 -26.83 -25.49 24.03
CA THR A 93 -26.62 -24.14 24.55
C THR A 93 -27.16 -23.09 23.57
N ASP A 94 -27.50 -23.50 22.34
CA ASP A 94 -27.97 -22.62 21.29
C ASP A 94 -26.92 -21.58 20.88
N LEU A 95 -25.64 -21.99 20.84
CA LEU A 95 -24.55 -21.08 20.49
C LEU A 95 -23.75 -21.63 19.32
N LEU A 96 -23.35 -20.73 18.42
CA LEU A 96 -22.55 -21.05 17.25
C LEU A 96 -21.33 -20.15 17.20
N SER A 97 -20.14 -20.78 17.05
CA SER A 97 -18.92 -20.05 16.78
C SER A 97 -18.86 -19.67 15.30
N ILE A 98 -18.52 -18.40 15.00
CA ILE A 98 -18.41 -18.00 13.60
C ILE A 98 -17.04 -18.39 13.04
N GLY A 99 -16.20 -18.97 13.90
CA GLY A 99 -14.90 -19.45 13.47
C GLY A 99 -14.63 -20.87 13.95
N GLY A 100 -13.62 -21.03 14.81
CA GLY A 100 -13.15 -22.33 15.24
C GLY A 100 -13.69 -22.71 16.62
N ALA A 101 -13.08 -23.75 17.19
CA ALA A 101 -13.55 -24.32 18.45
C ALA A 101 -13.29 -23.35 19.59
N THR A 102 -14.18 -23.32 20.56
CA THR A 102 -14.03 -22.40 21.67
C THR A 102 -14.86 -22.96 22.82
N PRO A 103 -14.36 -22.86 24.07
CA PRO A 103 -15.16 -23.22 25.25
C PRO A 103 -16.41 -22.35 25.39
N LYS A 104 -16.44 -21.19 24.71
CA LYS A 104 -17.55 -20.26 24.82
C LYS A 104 -18.86 -20.88 24.32
N THR A 105 -18.83 -21.94 23.51
CA THR A 105 -20.08 -22.55 23.05
C THR A 105 -20.64 -23.52 24.10
N GLY A 106 -19.87 -23.77 25.18
CA GLY A 106 -20.35 -24.59 26.29
C GLY A 106 -19.88 -26.05 26.18
N PRO A 107 -20.40 -26.94 27.05
CA PRO A 107 -20.03 -28.36 27.07
C PRO A 107 -20.17 -29.03 25.70
N PRO A 108 -19.16 -29.77 25.23
CA PRO A 108 -19.20 -30.37 23.90
C PRO A 108 -20.36 -31.34 23.72
N PRO A 109 -20.92 -31.43 22.50
CA PRO A 109 -21.94 -32.44 22.19
C PRO A 109 -21.30 -33.82 22.11
N PRO A 110 -22.10 -34.91 22.12
CA PRO A 110 -21.56 -36.25 21.87
C PRO A 110 -20.99 -36.42 20.46
N PRO A 111 -19.77 -36.94 20.30
CA PRO A 111 -19.21 -37.18 18.97
C PRO A 111 -20.12 -38.15 18.23
N PRO A 112 -20.15 -38.15 16.88
CA PRO A 112 -19.25 -37.31 16.07
C PRO A 112 -19.61 -35.84 15.87
N ALA A 113 -20.70 -35.38 16.50
CA ALA A 113 -20.98 -33.94 16.57
C ALA A 113 -19.88 -33.23 17.34
N HIS A 114 -19.67 -31.94 17.04
CA HIS A 114 -18.44 -31.25 17.43
C HIS A 114 -18.70 -29.81 17.91
N ALA A 115 -19.70 -29.11 17.35
CA ALA A 115 -19.89 -27.69 17.62
C ALA A 115 -18.58 -26.92 17.40
N GLY A 116 -17.88 -27.28 16.34
CA GLY A 116 -16.54 -26.81 16.04
C GLY A 116 -16.54 -25.48 15.28
N GLY A 117 -17.73 -24.95 14.91
CA GLY A 117 -17.81 -23.61 14.33
C GLY A 117 -17.77 -23.65 12.81
N LEU A 118 -17.94 -22.46 12.20
CA LEU A 118 -17.99 -22.33 10.76
C LEU A 118 -16.68 -22.72 10.07
N ASN A 119 -15.55 -22.75 10.80
CA ASN A 119 -14.29 -23.21 10.24
C ASN A 119 -14.31 -24.69 9.82
N VAL A 120 -15.23 -25.50 10.35
CA VAL A 120 -15.23 -26.92 10.03
C VAL A 120 -15.47 -27.17 8.53
N HIS A 121 -14.54 -27.91 7.92
CA HIS A 121 -14.48 -28.12 6.47
C HIS A 121 -15.29 -29.35 6.03
N GLY A 122 -15.88 -29.29 4.84
CA GLY A 122 -16.29 -30.49 4.14
C GLY A 122 -17.79 -30.66 3.91
N THR A 123 -18.66 -30.12 4.79
CA THR A 123 -20.10 -30.21 4.59
CA THR A 123 -20.10 -30.22 4.55
C THR A 123 -20.70 -28.83 4.29
N PHE A 124 -20.24 -27.78 5.03
CA PHE A 124 -20.62 -26.40 4.74
C PHE A 124 -19.42 -25.67 4.12
N GLU A 125 -18.48 -25.13 4.93
CA GLU A 125 -17.28 -24.49 4.41
C GLU A 125 -16.62 -25.40 3.36
N GLY A 126 -16.15 -24.80 2.26
CA GLY A 126 -15.48 -25.54 1.20
C GLY A 126 -14.58 -24.68 0.33
N ASP A 127 -14.27 -25.24 -0.86
CA ASP A 127 -13.11 -24.83 -1.63
C ASP A 127 -13.45 -23.74 -2.64
N ALA A 128 -12.40 -23.15 -3.21
CA ALA A 128 -12.50 -22.17 -4.28
C ALA A 128 -13.17 -20.86 -3.80
N GLY A 129 -12.86 -20.45 -2.57
CA GLY A 129 -13.29 -19.15 -2.09
C GLY A 129 -12.51 -18.01 -2.72
N MET A 130 -12.98 -16.78 -2.50
CA MET A 130 -12.43 -15.60 -3.14
C MET A 130 -11.21 -15.09 -2.37
N THR A 131 -11.29 -15.01 -1.03
CA THR A 131 -10.20 -14.44 -0.26
C THR A 131 -9.67 -15.43 0.78
N ARG A 132 -10.23 -16.65 0.83
CA ARG A 132 -9.75 -17.70 1.70
C ARG A 132 -9.25 -18.88 0.85
N ALA A 133 -8.16 -19.51 1.28
CA ALA A 133 -7.58 -20.67 0.60
C ALA A 133 -8.28 -21.96 1.01
N ASP A 134 -8.19 -22.97 0.12
CA ASP A 134 -8.75 -24.29 0.37
C ASP A 134 -8.10 -24.90 1.60
N GLU A 135 -8.90 -25.68 2.36
CA GLU A 135 -8.45 -26.29 3.60
C GLU A 135 -7.22 -27.20 3.37
N PHE A 136 -7.11 -27.79 2.18
CA PHE A 136 -6.00 -28.65 1.84
C PHE A 136 -4.67 -27.94 2.07
N PHE A 137 -4.60 -26.62 1.83
CA PHE A 137 -3.35 -25.89 1.95
C PHE A 137 -3.03 -25.48 3.39
N GLY A 138 -3.94 -25.75 4.33
CA GLY A 138 -3.61 -25.64 5.75
C GLY A 138 -4.39 -24.55 6.51
N ASP A 139 -5.09 -23.64 5.82
CA ASP A 139 -5.80 -22.56 6.51
C ASP A 139 -7.01 -22.10 5.69
N ASN A 140 -8.21 -22.49 6.12
CA ASN A 140 -9.41 -22.25 5.34
C ASN A 140 -10.16 -20.99 5.84
N HIS A 141 -9.58 -20.26 6.81
CA HIS A 141 -10.32 -19.23 7.51
C HIS A 141 -9.69 -17.84 7.40
N SER A 142 -8.35 -17.76 7.38
CA SER A 142 -7.66 -16.49 7.36
C SER A 142 -7.77 -15.84 5.99
N PHE A 143 -7.80 -14.51 6.00
CA PHE A 143 -7.63 -13.73 4.78
C PHE A 143 -6.30 -14.11 4.13
N ASN A 144 -6.31 -14.23 2.80
CA ASN A 144 -5.15 -14.59 2.03
C ASN A 144 -4.86 -13.50 1.01
N GLN A 145 -3.73 -12.80 1.17
CA GLN A 145 -3.42 -11.61 0.40
C GLN A 145 -3.21 -11.97 -1.08
N THR A 146 -2.61 -13.13 -1.36
CA THR A 146 -2.40 -13.58 -2.72
C THR A 146 -3.75 -13.70 -3.44
N LEU A 147 -4.74 -14.29 -2.77
CA LEU A 147 -6.05 -14.44 -3.39
C LEU A 147 -6.72 -13.09 -3.56
N PHE A 148 -6.52 -12.18 -2.60
CA PHE A 148 -7.10 -10.86 -2.72
C PHE A 148 -6.45 -10.13 -3.90
N ASP A 149 -5.15 -10.36 -4.13
CA ASP A 149 -4.46 -9.76 -5.27
C ASP A 149 -5.09 -10.23 -6.59
N LYS A 150 -5.52 -11.49 -6.66
CA LYS A 150 -6.25 -12.00 -7.83
C LYS A 150 -7.62 -11.33 -7.97
N PHE A 151 -8.32 -11.12 -6.85
CA PHE A 151 -9.58 -10.39 -6.85
C PHE A 151 -9.39 -9.01 -7.47
N VAL A 152 -8.31 -8.32 -7.06
CA VAL A 152 -7.98 -7.01 -7.59
C VAL A 152 -7.64 -7.13 -9.08
N ASP A 153 -6.83 -8.12 -9.44
CA ASP A 153 -6.44 -8.32 -10.84
C ASP A 153 -7.69 -8.52 -11.71
N PHE A 154 -8.61 -9.38 -11.27
CA PHE A 154 -9.81 -9.64 -12.05
C PHE A 154 -10.69 -8.41 -12.10
N SER A 155 -10.72 -7.63 -11.02
CA SER A 155 -11.48 -6.38 -11.02
C SER A 155 -10.87 -5.39 -12.03
N ASN A 156 -9.54 -5.34 -12.14
CA ASN A 156 -8.89 -4.47 -13.11
C ASN A 156 -9.21 -4.95 -14.54
N ARG A 157 -9.18 -6.27 -14.75
CA ARG A 157 -9.28 -6.84 -16.08
C ARG A 157 -10.70 -6.80 -16.60
N TYR A 158 -11.72 -6.91 -15.72
CA TYR A 158 -13.09 -7.09 -16.19
C TYR A 158 -14.08 -6.07 -15.63
N GLY A 159 -13.67 -5.27 -14.64
CA GLY A 159 -14.62 -4.39 -13.97
C GLY A 159 -14.15 -2.93 -13.87
N GLY A 160 -13.17 -2.53 -14.69
CA GLY A 160 -12.73 -1.14 -14.69
C GLY A 160 -12.03 -0.77 -13.37
N GLY A 161 -11.52 -1.77 -12.64
CA GLY A 161 -10.86 -1.55 -11.35
C GLY A 161 -11.82 -1.74 -10.16
N PHE A 162 -13.07 -2.13 -10.44
CA PHE A 162 -14.07 -2.40 -9.44
C PHE A 162 -14.60 -3.82 -9.60
N TYR A 163 -15.18 -4.37 -8.53
CA TYR A 163 -15.79 -5.67 -8.57
C TYR A 163 -17.26 -5.50 -8.95
N ASN A 164 -17.66 -6.12 -10.06
CA ASN A 164 -19.04 -6.08 -10.50
C ASN A 164 -19.42 -7.46 -11.00
N LEU A 165 -20.64 -7.60 -11.50
CA LEU A 165 -21.15 -8.92 -11.84
C LEU A 165 -20.32 -9.61 -12.91
N THR A 166 -19.74 -8.85 -13.86
CA THR A 166 -18.90 -9.43 -14.89
C THR A 166 -17.64 -10.04 -14.27
N VAL A 167 -17.04 -9.31 -13.32
CA VAL A 167 -15.86 -9.80 -12.62
C VAL A 167 -16.20 -11.10 -11.88
N ALA A 168 -17.36 -11.12 -11.20
CA ALA A 168 -17.77 -12.26 -10.42
C ALA A 168 -17.80 -13.53 -11.28
N GLY A 169 -18.37 -13.43 -12.48
CA GLY A 169 -18.44 -14.58 -13.37
C GLY A 169 -17.04 -15.12 -13.70
N GLU A 170 -16.12 -14.20 -14.02
CA GLU A 170 -14.77 -14.59 -14.43
C GLU A 170 -14.00 -15.15 -13.22
N LEU A 171 -14.12 -14.50 -12.06
CA LEU A 171 -13.31 -14.88 -10.92
C LEU A 171 -13.74 -16.26 -10.41
N ARG A 172 -15.05 -16.49 -10.32
CA ARG A 172 -15.57 -17.74 -9.80
C ARG A 172 -15.00 -18.91 -10.60
N TYR A 173 -15.05 -18.81 -11.93
CA TYR A 173 -14.58 -19.88 -12.79
C TYR A 173 -13.08 -20.07 -12.60
N SER A 174 -12.33 -18.96 -12.60
CA SER A 174 -10.89 -19.05 -12.50
C SER A 174 -10.48 -19.68 -11.18
N ARG A 175 -11.22 -19.39 -10.10
CA ARG A 175 -10.89 -19.96 -8.80
C ARG A 175 -11.16 -21.48 -8.80
N ILE A 176 -12.24 -21.91 -9.44
CA ILE A 176 -12.49 -23.34 -9.62
C ILE A 176 -11.30 -23.99 -10.33
N GLN A 177 -10.82 -23.38 -11.42
CA GLN A 177 -9.68 -23.89 -12.18
C GLN A 177 -8.41 -23.95 -11.32
N ASP A 178 -8.14 -22.92 -10.52
CA ASP A 178 -6.99 -22.94 -9.62
C ASP A 178 -7.05 -24.18 -8.73
N SER A 179 -8.23 -24.45 -8.13
CA SER A 179 -8.35 -25.56 -7.20
C SER A 179 -8.22 -26.90 -7.94
N ILE A 180 -8.77 -27.01 -9.16
CA ILE A 180 -8.63 -28.24 -9.93
C ILE A 180 -7.14 -28.54 -10.13
N ALA A 181 -6.39 -27.51 -10.52
CA ALA A 181 -4.98 -27.64 -10.87
C ALA A 181 -4.09 -27.89 -9.67
N THR A 182 -4.47 -27.47 -8.45
CA THR A 182 -3.52 -27.44 -7.35
C THR A 182 -3.98 -28.23 -6.12
N ASN A 183 -5.25 -28.60 -6.05
CA ASN A 183 -5.77 -29.21 -4.83
C ASN A 183 -6.29 -30.60 -5.17
N PRO A 184 -5.56 -31.67 -4.80
CA PRO A 184 -5.97 -33.03 -5.15
C PRO A 184 -7.23 -33.50 -4.42
N GLU A 185 -7.59 -32.80 -3.33
CA GLU A 185 -8.79 -33.11 -2.55
C GLU A 185 -9.95 -32.16 -2.88
N PHE A 186 -9.83 -31.37 -3.96
CA PHE A 186 -10.84 -30.40 -4.33
C PHE A 186 -12.22 -31.04 -4.48
N GLN A 187 -13.19 -30.49 -3.77
CA GLN A 187 -14.60 -30.88 -3.83
C GLN A 187 -15.41 -29.63 -4.14
N PHE A 188 -16.39 -29.78 -5.04
CA PHE A 188 -17.25 -28.67 -5.40
C PHE A 188 -18.65 -29.20 -5.70
N LYS A 189 -19.30 -29.71 -4.66
CA LYS A 189 -20.59 -30.34 -4.82
C LYS A 189 -21.47 -30.09 -3.59
N ASN A 190 -22.72 -30.56 -3.65
CA ASN A 190 -23.68 -30.45 -2.57
C ASN A 190 -23.73 -29.00 -2.06
N VAL A 191 -23.53 -28.78 -0.77
CA VAL A 191 -23.73 -27.46 -0.20
C VAL A 191 -22.82 -26.45 -0.91
N ARG A 192 -21.55 -26.79 -1.06
CA ARG A 192 -20.55 -25.85 -1.54
C ARG A 192 -20.89 -25.37 -2.92
N PHE A 193 -21.40 -26.25 -3.78
CA PHE A 193 -21.68 -25.88 -5.16
C PHE A 193 -22.71 -24.75 -5.17
N ILE A 194 -23.69 -24.83 -4.26
CA ILE A 194 -24.75 -23.84 -4.22
C ILE A 194 -24.23 -22.54 -3.57
N THR A 195 -23.55 -22.63 -2.43
CA THR A 195 -23.14 -21.45 -1.68
C THR A 195 -22.05 -20.68 -2.43
N ALA A 196 -21.25 -21.35 -3.26
CA ALA A 196 -20.14 -20.69 -3.93
C ALA A 196 -20.59 -19.65 -4.94
N TYR A 197 -21.79 -19.79 -5.52
CA TYR A 197 -22.27 -18.82 -6.50
C TYR A 197 -22.85 -17.62 -5.76
N GLY A 198 -23.65 -17.87 -4.72
CA GLY A 198 -24.20 -16.78 -3.91
C GLY A 198 -23.13 -15.88 -3.29
N GLU A 199 -22.06 -16.50 -2.77
CA GLU A 199 -21.02 -15.73 -2.08
CA GLU A 199 -21.00 -15.76 -2.09
C GLU A 199 -20.35 -14.76 -3.05
N THR A 200 -20.36 -15.04 -4.37
CA THR A 200 -19.65 -14.18 -5.30
C THR A 200 -20.46 -12.92 -5.64
N VAL A 201 -21.77 -12.91 -5.35
CA VAL A 201 -22.57 -11.72 -5.58
C VAL A 201 -22.85 -10.96 -4.28
N PHE A 202 -22.65 -11.58 -3.12
CA PHE A 202 -22.87 -10.86 -1.87
C PHE A 202 -22.07 -9.56 -1.84
N PRO A 203 -20.81 -9.50 -2.30
CA PRO A 203 -20.07 -8.23 -2.29
C PRO A 203 -20.76 -7.14 -3.11
N ILE A 204 -21.45 -7.51 -4.21
CA ILE A 204 -22.13 -6.54 -5.04
C ILE A 204 -23.43 -6.10 -4.37
N ASN A 205 -24.22 -7.07 -3.88
CA ASN A 205 -25.55 -6.79 -3.40
C ASN A 205 -25.52 -6.20 -2.00
N LEU A 206 -24.51 -6.54 -1.19
CA LEU A 206 -24.54 -6.24 0.24
C LEU A 206 -23.36 -5.37 0.70
N PHE A 207 -22.21 -5.42 0.00
CA PHE A 207 -21.05 -4.64 0.43
C PHE A 207 -20.97 -3.29 -0.26
N VAL A 208 -21.71 -3.12 -1.35
CA VAL A 208 -21.82 -1.83 -2.00
C VAL A 208 -22.84 -1.01 -1.23
N ASP A 209 -22.52 0.26 -1.00
CA ASP A 209 -23.32 1.16 -0.21
C ASP A 209 -24.72 1.24 -0.81
N GLY A 210 -25.74 1.23 0.07
CA GLY A 210 -27.14 1.18 -0.35
C GLY A 210 -27.61 2.45 -1.04
N ARG A 211 -26.87 3.55 -0.89
CA ARG A 211 -27.20 4.80 -1.59
C ARG A 211 -26.79 4.74 -3.05
N VAL A 212 -26.02 3.72 -3.46
CA VAL A 212 -25.72 3.52 -4.86
C VAL A 212 -26.83 2.68 -5.50
N THR A 213 -27.64 3.28 -6.36
CA THR A 213 -28.80 2.61 -6.95
C THR A 213 -28.49 2.03 -8.32
N THR A 214 -27.52 2.61 -9.04
CA THR A 214 -27.21 2.17 -10.39
C THR A 214 -25.72 1.81 -10.53
N ASP A 215 -25.41 0.84 -11.39
CA ASP A 215 -24.02 0.52 -11.72
C ASP A 215 -23.31 0.13 -10.43
N ARG A 216 -23.86 -0.88 -9.75
CA ARG A 216 -23.38 -1.26 -8.44
C ARG A 216 -22.04 -1.97 -8.61
N LYS A 217 -21.02 -1.47 -7.93
CA LYS A 217 -19.68 -2.00 -8.08
C LYS A 217 -18.92 -1.70 -6.80
N LEU A 218 -18.01 -2.59 -6.41
CA LEU A 218 -17.31 -2.45 -5.15
C LEU A 218 -15.87 -2.00 -5.40
N SER A 219 -15.44 -0.96 -4.70
CA SER A 219 -14.07 -0.49 -4.77
C SER A 219 -13.15 -1.47 -4.05
N MET A 220 -11.88 -1.48 -4.42
CA MET A 220 -10.92 -2.38 -3.80
C MET A 220 -10.64 -1.94 -2.36
N GLU A 221 -10.77 -0.63 -2.08
CA GLU A 221 -10.57 -0.11 -0.74
C GLU A 221 -11.65 -0.68 0.19
N ASP A 222 -12.91 -0.63 -0.24
CA ASP A 222 -14.04 -1.15 0.53
C ASP A 222 -13.93 -2.66 0.68
N ALA A 223 -13.55 -3.35 -0.40
CA ALA A 223 -13.35 -4.78 -0.35
C ALA A 223 -12.28 -5.14 0.69
N ALA A 224 -11.14 -4.44 0.69
CA ALA A 224 -10.08 -4.78 1.64
C ALA A 224 -10.56 -4.54 3.08
N SER A 225 -11.29 -3.43 3.25
CA SER A 225 -11.77 -3.06 4.56
C SER A 225 -12.62 -4.18 5.17
N ILE A 226 -13.51 -4.76 4.37
CA ILE A 226 -14.41 -5.80 4.86
C ILE A 226 -13.72 -7.17 4.90
N PHE A 227 -13.12 -7.60 3.79
CA PHE A 227 -12.54 -8.93 3.67
C PHE A 227 -11.31 -9.12 4.55
N ARG A 228 -10.47 -8.08 4.67
CA ARG A 228 -9.26 -8.17 5.44
C ARG A 228 -9.49 -7.65 6.85
N ASP A 229 -10.01 -6.42 6.99
CA ASP A 229 -9.99 -5.76 8.29
C ASP A 229 -11.27 -5.97 9.12
N MET A 230 -12.30 -6.55 8.53
CA MET A 230 -13.56 -6.78 9.21
CA MET A 230 -13.56 -6.78 9.21
C MET A 230 -14.18 -5.45 9.64
N ARG A 231 -14.07 -4.45 8.75
CA ARG A 231 -14.45 -3.08 9.05
CA ARG A 231 -14.46 -3.09 9.05
C ARG A 231 -15.37 -2.56 7.95
N PHE A 232 -16.52 -2.01 8.34
CA PHE A 232 -17.39 -1.31 7.41
C PHE A 232 -16.65 -0.12 6.81
N PRO A 233 -16.85 0.19 5.52
CA PRO A 233 -16.43 1.50 5.00
C PRO A 233 -16.96 2.62 5.86
N ASP A 234 -16.21 3.73 5.91
CA ASP A 234 -16.67 4.92 6.61
C ASP A 234 -18.07 5.28 6.10
N ASP A 235 -18.97 5.64 7.00
CA ASP A 235 -20.31 6.12 6.66
C ASP A 235 -21.13 5.08 5.90
N PHE A 236 -20.84 3.79 6.09
CA PHE A 236 -21.50 2.76 5.29
C PHE A 236 -23.00 2.73 5.55
N HIS A 237 -23.77 2.74 4.46
CA HIS A 237 -25.21 2.54 4.49
C HIS A 237 -25.53 1.20 3.85
N ARG A 238 -26.35 0.39 4.52
CA ARG A 238 -26.72 -0.93 4.04
C ARG A 238 -27.59 -0.80 2.80
N SER A 239 -27.70 -1.91 2.05
CA SER A 239 -28.64 -2.08 0.95
C SER A 239 -30.00 -1.45 1.29
N ALA A 240 -30.59 -0.80 0.29
CA ALA A 240 -31.87 -0.09 0.44
C ALA A 240 -33.04 -1.07 0.41
N VAL A 241 -32.80 -2.34 0.04
CA VAL A 241 -33.80 -3.40 0.04
C VAL A 241 -33.18 -4.68 0.62
N PRO A 242 -33.97 -5.57 1.25
CA PRO A 242 -33.50 -6.91 1.61
C PRO A 242 -32.90 -7.55 0.37
N ALA A 243 -31.73 -8.17 0.52
CA ALA A 243 -31.07 -8.75 -0.63
C ALA A 243 -30.22 -9.94 -0.19
N SER A 244 -29.80 -10.73 -1.19
CA SER A 244 -29.02 -11.93 -0.96
C SER A 244 -28.28 -12.26 -2.25
N ASN A 245 -28.79 -13.22 -3.01
CA ASN A 245 -28.03 -13.87 -4.07
C ASN A 245 -28.48 -13.42 -5.46
N GLU A 246 -29.04 -12.21 -5.60
CA GLU A 246 -29.45 -11.71 -6.91
C GLU A 246 -28.23 -11.69 -7.84
N GLY A 247 -28.38 -12.31 -9.01
CA GLY A 247 -27.37 -12.33 -10.05
C GLY A 247 -26.51 -13.58 -10.04
N ALA A 248 -26.68 -14.45 -9.03
CA ALA A 248 -25.88 -15.67 -8.96
C ALA A 248 -26.08 -16.56 -10.20
N ASP A 249 -27.30 -16.55 -10.74
CA ASP A 249 -27.63 -17.28 -11.95
C ASP A 249 -26.76 -16.81 -13.12
N GLN A 250 -26.50 -15.51 -13.19
CA GLN A 250 -25.69 -14.96 -14.29
C GLN A 250 -24.22 -15.33 -14.13
N VAL A 251 -23.77 -15.50 -12.88
CA VAL A 251 -22.40 -15.90 -12.62
C VAL A 251 -22.18 -17.32 -13.15
N LEU A 252 -23.13 -18.21 -12.87
CA LEU A 252 -23.08 -19.57 -13.39
C LEU A 252 -23.18 -19.58 -14.91
N ALA A 253 -24.08 -18.77 -15.48
CA ALA A 253 -24.30 -18.75 -16.92
C ALA A 253 -23.06 -18.29 -17.69
N ALA A 254 -22.25 -17.42 -17.10
CA ALA A 254 -21.03 -16.93 -17.74
C ALA A 254 -20.03 -18.06 -18.00
N HIS A 255 -20.02 -19.07 -17.12
CA HIS A 255 -19.15 -20.23 -17.29
C HIS A 255 -19.85 -21.45 -16.70
N PRO A 256 -20.79 -22.08 -17.46
CA PRO A 256 -21.54 -23.24 -16.96
C PRO A 256 -20.61 -24.28 -16.36
N TRP A 257 -21.04 -24.82 -15.22
CA TRP A 257 -20.20 -25.72 -14.45
C TRP A 257 -21.09 -26.72 -13.70
N VAL A 258 -20.54 -27.92 -13.47
CA VAL A 258 -21.30 -29.03 -12.93
C VAL A 258 -20.66 -29.45 -11.62
N PRO A 259 -21.46 -29.78 -10.58
CA PRO A 259 -20.89 -30.23 -9.30
C PRO A 259 -20.06 -31.48 -9.49
N GLY A 260 -19.01 -31.60 -8.68
CA GLY A 260 -18.09 -32.71 -8.75
C GLY A 260 -16.87 -32.46 -7.87
N GLY A 261 -15.73 -33.02 -8.28
CA GLY A 261 -14.49 -32.92 -7.55
C GLY A 261 -13.35 -33.65 -8.26
N ASN A 262 -12.12 -33.40 -7.83
CA ASN A 262 -10.96 -34.18 -8.26
C ASN A 262 -11.07 -35.58 -7.67
N ALA A 263 -11.02 -36.61 -8.53
CA ALA A 263 -11.08 -37.98 -8.06
C ALA A 263 -9.67 -38.53 -7.80
N ASP A 264 -9.61 -39.52 -6.88
CA ASP A 264 -8.46 -40.39 -6.69
C ASP A 264 -7.23 -39.59 -6.25
N ASN A 265 -7.44 -38.52 -5.47
CA ASN A 265 -6.36 -37.79 -4.84
C ASN A 265 -5.36 -37.29 -5.89
N GLN A 266 -5.89 -36.82 -7.01
CA GLN A 266 -5.06 -36.30 -8.10
C GLN A 266 -5.57 -34.95 -8.56
N VAL A 267 -4.65 -34.06 -8.93
CA VAL A 267 -5.01 -32.80 -9.56
C VAL A 267 -5.41 -33.05 -11.01
N ASN A 268 -5.99 -32.02 -11.63
CA ASN A 268 -6.48 -32.02 -13.00
C ASN A 268 -7.26 -33.30 -13.30
N ASN A 269 -8.16 -33.67 -12.40
CA ASN A 269 -8.87 -34.92 -12.53
C ASN A 269 -10.32 -34.75 -12.05
N TYR A 270 -11.00 -33.75 -12.61
CA TYR A 270 -12.32 -33.37 -12.13
C TYR A 270 -13.40 -34.26 -12.74
N VAL A 271 -14.16 -34.96 -11.88
CA VAL A 271 -15.26 -35.83 -12.27
C VAL A 271 -16.58 -35.28 -11.76
N GLU A 272 -17.59 -35.24 -12.64
CA GLU A 272 -18.92 -34.78 -12.29
CA GLU A 272 -18.93 -34.79 -12.30
C GLU A 272 -19.55 -35.74 -11.29
N ASP A 273 -20.39 -35.18 -10.39
CA ASP A 273 -21.22 -35.96 -9.48
C ASP A 273 -22.68 -35.73 -9.85
N PRO A 274 -23.35 -36.71 -10.52
CA PRO A 274 -24.72 -36.53 -10.98
C PRO A 274 -25.79 -36.54 -9.88
N ASP A 275 -25.41 -37.03 -8.69
CA ASP A 275 -26.30 -37.12 -7.54
C ASP A 275 -26.32 -35.82 -6.71
N SER A 276 -25.39 -34.89 -6.98
CA SER A 276 -25.26 -33.67 -6.20
C SER A 276 -26.47 -32.76 -6.44
N ALA A 277 -26.77 -31.95 -5.42
CA ALA A 277 -27.63 -30.80 -5.64
C ALA A 277 -27.03 -29.91 -6.73
N ASP A 278 -27.91 -29.19 -7.42
CA ASP A 278 -27.53 -28.11 -8.32
C ASP A 278 -28.70 -27.15 -8.34
N PHE A 279 -28.66 -26.14 -9.20
CA PHE A 279 -29.62 -25.04 -9.10
C PHE A 279 -31.01 -25.43 -9.63
N THR A 280 -31.14 -26.57 -10.33
CA THR A 280 -32.47 -27.07 -10.68
C THR A 280 -32.83 -28.28 -9.81
N HIS A 281 -32.01 -28.60 -8.80
CA HIS A 281 -32.29 -29.72 -7.91
C HIS A 281 -31.95 -29.34 -6.47
N LEU A 282 -32.52 -28.24 -5.98
CA LEU A 282 -32.11 -27.65 -4.72
C LEU A 282 -32.52 -28.53 -3.54
N CYS A 283 -33.63 -29.27 -3.66
CA CYS A 283 -34.12 -30.05 -2.53
C CYS A 283 -33.13 -31.16 -2.18
N ARG A 284 -32.28 -31.57 -3.12
CA ARG A 284 -31.23 -32.52 -2.81
C ARG A 284 -30.33 -31.97 -1.70
N LEU A 285 -30.12 -30.65 -1.67
CA LEU A 285 -29.28 -30.03 -0.66
C LEU A 285 -29.94 -30.23 0.70
N TYR A 286 -31.25 -30.04 0.79
CA TYR A 286 -31.98 -30.23 2.04
C TYR A 286 -31.83 -31.67 2.51
N GLU A 287 -32.06 -32.63 1.62
CA GLU A 287 -32.01 -34.05 1.97
C GLU A 287 -30.60 -34.43 2.41
N PHE A 288 -29.60 -33.92 1.67
CA PHE A 288 -28.21 -34.21 1.95
C PHE A 288 -27.86 -33.74 3.36
N VAL A 289 -28.26 -32.51 3.70
CA VAL A 289 -27.89 -31.94 4.99
C VAL A 289 -28.61 -32.66 6.13
N VAL A 290 -29.88 -33.06 5.92
CA VAL A 290 -30.57 -33.80 6.97
C VAL A 290 -29.84 -35.12 7.23
N GLY A 291 -29.37 -35.77 6.16
CA GLY A 291 -28.54 -36.97 6.26
C GLY A 291 -27.25 -36.69 7.04
N SER A 292 -26.61 -35.55 6.74
CA SER A 292 -25.40 -35.19 7.46
C SER A 292 -25.69 -35.02 8.94
N VAL A 293 -26.81 -34.38 9.28
CA VAL A 293 -27.17 -34.18 10.67
C VAL A 293 -27.37 -35.54 11.36
N GLN A 294 -27.95 -36.51 10.66
CA GLN A 294 -28.16 -37.82 11.27
C GLN A 294 -26.82 -38.51 11.56
N GLU A 295 -25.81 -38.28 10.71
CA GLU A 295 -24.48 -38.83 10.95
C GLU A 295 -23.84 -38.19 12.17
N LEU A 296 -24.06 -36.87 12.37
CA LEU A 296 -23.55 -36.18 13.56
C LEU A 296 -24.29 -36.61 14.81
N TYR A 297 -25.60 -36.90 14.68
CA TYR A 297 -26.46 -37.15 15.83
C TYR A 297 -27.22 -38.45 15.60
N PRO A 298 -26.56 -39.63 15.71
CA PRO A 298 -27.21 -40.91 15.42
C PRO A 298 -28.36 -41.31 16.33
N ASN A 299 -28.33 -40.93 17.61
CA ASN A 299 -29.37 -41.38 18.52
C ASN A 299 -29.56 -40.40 19.67
N PRO A 300 -30.01 -39.15 19.41
CA PRO A 300 -30.16 -38.18 20.49
C PRO A 300 -31.41 -38.43 21.34
N THR A 301 -31.37 -38.03 22.61
CA THR A 301 -32.52 -38.07 23.49
C THR A 301 -32.56 -36.77 24.28
N GLY A 302 -33.62 -36.59 25.08
CA GLY A 302 -33.73 -35.46 26.01
C GLY A 302 -33.72 -34.11 25.29
N ILE A 303 -33.03 -33.13 25.91
CA ILE A 303 -32.98 -31.75 25.43
C ILE A 303 -32.31 -31.70 24.06
N LEU A 304 -31.27 -32.52 23.85
CA LEU A 304 -30.58 -32.52 22.57
C LEU A 304 -31.54 -32.92 21.45
N ARG A 305 -32.35 -33.97 21.67
CA ARG A 305 -33.30 -34.41 20.68
CA ARG A 305 -33.30 -34.41 20.68
C ARG A 305 -34.31 -33.29 20.40
N ARG A 306 -34.83 -32.70 21.47
CA ARG A 306 -35.84 -31.66 21.35
C ARG A 306 -35.28 -30.49 20.52
N ASN A 307 -34.06 -30.07 20.84
CA ASN A 307 -33.49 -28.89 20.18
C ASN A 307 -33.13 -29.21 18.73
N LEU A 308 -32.75 -30.46 18.44
CA LEU A 308 -32.52 -30.87 17.07
C LEU A 308 -33.82 -30.78 16.25
N ILE A 309 -34.91 -31.29 16.83
CA ILE A 309 -36.19 -31.30 16.14
C ILE A 309 -36.60 -29.86 15.82
N LYS A 310 -36.45 -28.97 16.79
CA LYS A 310 -36.84 -27.57 16.61
C LYS A 310 -35.99 -26.88 15.55
N ASN A 311 -34.66 -27.06 15.62
CA ASN A 311 -33.76 -26.40 14.69
C ASN A 311 -33.97 -26.93 13.28
N LEU A 312 -34.23 -28.24 13.14
CA LEU A 312 -34.49 -28.81 11.83
C LEU A 312 -35.75 -28.18 11.24
N HIS A 313 -36.78 -28.01 12.07
CA HIS A 313 -38.02 -27.38 11.63
C HIS A 313 -37.78 -25.92 11.24
N TYR A 314 -37.05 -25.17 12.08
CA TYR A 314 -36.76 -23.77 11.76
C TYR A 314 -36.06 -23.67 10.40
N TRP A 315 -35.08 -24.56 10.18
CA TRP A 315 -34.34 -24.53 8.94
C TRP A 315 -35.28 -24.80 7.76
N TRP A 316 -36.14 -25.81 7.92
CA TRP A 316 -37.09 -26.16 6.88
C TRP A 316 -37.99 -24.97 6.54
N THR A 317 -38.38 -24.15 7.51
CA THR A 317 -39.26 -23.02 7.23
C THR A 317 -38.60 -22.10 6.21
N GLY A 318 -37.28 -21.90 6.31
CA GLY A 318 -36.58 -21.09 5.33
C GLY A 318 -36.37 -21.83 4.01
N VAL A 319 -35.94 -23.10 4.10
CA VAL A 319 -35.64 -23.88 2.92
C VAL A 319 -36.89 -24.01 2.06
N ASN A 320 -38.03 -24.25 2.69
CA ASN A 320 -39.27 -24.50 1.96
C ASN A 320 -39.58 -23.33 1.03
N VAL A 321 -39.34 -22.10 1.49
CA VAL A 321 -39.54 -20.92 0.68
C VAL A 321 -38.38 -20.74 -0.29
N ALA A 322 -37.14 -20.74 0.19
CA ALA A 322 -36.01 -20.40 -0.66
C ALA A 322 -35.87 -21.39 -1.82
N PHE A 323 -36.22 -22.66 -1.60
CA PHE A 323 -35.96 -23.68 -2.60
C PHE A 323 -37.23 -23.99 -3.40
N GLY A 324 -38.33 -23.29 -3.13
CA GLY A 324 -39.55 -23.45 -3.91
C GLY A 324 -40.30 -24.76 -3.58
N GLY A 325 -40.21 -25.22 -2.32
CA GLY A 325 -41.02 -26.31 -1.82
C GLY A 325 -40.22 -27.60 -1.69
N CYS A 326 -40.01 -28.07 -0.45
CA CYS A 326 -39.37 -29.35 -0.18
C CYS A 326 -40.20 -30.05 0.90
N ASP A 327 -40.38 -31.36 0.76
CA ASP A 327 -41.09 -32.13 1.75
C ASP A 327 -40.25 -32.19 3.02
N GLU A 328 -40.84 -31.79 4.14
CA GLU A 328 -40.11 -31.78 5.41
C GLU A 328 -39.79 -33.21 5.83
N LEU A 329 -38.57 -33.42 6.34
CA LEU A 329 -38.15 -34.70 6.90
C LEU A 329 -38.20 -34.63 8.42
N PHE A 330 -38.50 -35.79 9.04
CA PHE A 330 -38.63 -35.91 10.48
C PHE A 330 -37.75 -37.07 10.97
N PRO A 331 -36.41 -36.94 10.89
CA PRO A 331 -35.52 -38.03 11.31
C PRO A 331 -35.65 -38.42 12.78
N TYR A 332 -36.16 -37.52 13.62
CA TYR A 332 -36.29 -37.78 15.05
C TYR A 332 -37.76 -37.70 15.50
N GLY A 333 -38.70 -37.80 14.55
CA GLY A 333 -40.10 -37.70 14.86
C GLY A 333 -40.51 -36.26 15.20
N GLN A 334 -41.50 -36.12 16.09
CA GLN A 334 -42.06 -34.84 16.47
CA GLN A 334 -42.03 -34.83 16.47
C GLN A 334 -41.88 -34.63 17.97
N LEU A 335 -42.14 -33.39 18.43
CA LEU A 335 -42.05 -33.05 19.84
C LEU A 335 -43.12 -33.78 20.68
N GLN B 1 29.22 -0.01 16.70
CA GLN B 1 30.03 1.19 17.05
C GLN B 1 29.10 2.39 17.21
N GLY B 2 28.46 2.79 16.09
CA GLY B 2 27.58 3.95 16.03
C GLY B 2 27.44 4.48 14.59
N VAL B 3 26.36 5.23 14.35
CA VAL B 3 25.99 5.67 13.00
C VAL B 3 26.23 7.17 12.83
N ASP B 4 26.34 7.61 11.58
CA ASP B 4 26.62 9.00 11.26
C ASP B 4 25.33 9.67 10.80
N PRO B 5 24.66 10.52 11.62
CA PRO B 5 23.29 10.97 11.31
C PRO B 5 23.25 12.03 10.23
N PRO B 6 22.41 11.86 9.17
CA PRO B 6 22.33 12.83 8.09
C PRO B 6 21.56 14.08 8.53
N PRO B 7 21.72 15.22 7.84
CA PRO B 7 20.91 16.39 8.13
C PRO B 7 19.44 16.10 7.85
N PRO B 8 18.50 16.85 8.45
CA PRO B 8 17.08 16.61 8.20
C PRO B 8 16.70 16.84 6.75
N PRO B 9 15.71 16.09 6.23
CA PRO B 9 15.12 16.40 4.93
C PRO B 9 14.62 17.83 4.93
N GLY B 10 14.60 18.44 3.74
CA GLY B 10 13.90 19.68 3.51
C GLY B 10 12.43 19.42 3.21
N PRO B 11 11.67 20.46 2.82
CA PRO B 11 10.25 20.32 2.47
C PRO B 11 10.08 19.32 1.34
N PRO B 12 8.91 18.66 1.19
CA PRO B 12 8.73 17.73 0.07
C PRO B 12 8.70 18.50 -1.25
N SER B 13 9.16 17.84 -2.33
CA SER B 13 9.14 18.40 -3.67
CA SER B 13 9.14 18.42 -3.67
C SER B 13 7.73 18.84 -4.05
N PHE B 14 6.74 17.99 -3.76
CA PHE B 14 5.35 18.30 -4.05
C PHE B 14 4.64 18.59 -2.72
N THR B 15 4.00 19.76 -2.61
CA THR B 15 3.41 20.20 -1.35
C THR B 15 1.89 20.37 -1.47
N GLY B 16 1.28 19.85 -2.56
CA GLY B 16 -0.16 19.94 -2.71
C GLY B 16 -0.88 18.79 -2.00
N THR B 17 -2.22 18.76 -2.11
CA THR B 17 -3.01 17.68 -1.54
C THR B 17 -2.76 16.44 -2.38
N LYS B 18 -2.97 15.30 -1.75
CA LYS B 18 -2.93 14.02 -2.44
C LYS B 18 -3.56 12.99 -1.52
N LEU B 19 -3.93 11.86 -2.13
CA LEU B 19 -4.44 10.72 -1.39
C LEU B 19 -3.29 10.11 -0.60
N VAL B 20 -3.43 10.01 0.73
CA VAL B 20 -2.37 9.43 1.51
C VAL B 20 -2.79 8.08 2.05
N ASN B 21 -4.11 7.86 2.17
CA ASN B 21 -4.62 6.56 2.56
C ASN B 21 -4.76 5.73 1.28
N ASP B 22 -3.64 5.24 0.76
CA ASP B 22 -3.60 4.71 -0.60
C ASP B 22 -3.19 3.24 -0.53
N ALA B 23 -3.12 2.61 -1.71
CA ALA B 23 -2.95 1.17 -1.80
C ALA B 23 -1.61 0.76 -1.20
N ASP B 24 -0.61 1.64 -1.34
CA ASP B 24 0.72 1.33 -0.88
C ASP B 24 0.88 1.52 0.63
N HIS B 25 -0.09 2.18 1.30
CA HIS B 25 0.01 2.50 2.72
C HIS B 25 -1.26 2.02 3.44
N PRO B 26 -1.52 0.69 3.44
CA PRO B 26 -2.72 0.15 4.11
C PRO B 26 -2.56 0.17 5.61
N TRP B 27 -3.66 0.48 6.31
CA TRP B 27 -3.70 0.21 7.75
C TRP B 27 -3.50 -1.28 7.99
N GLN B 28 -2.71 -1.61 9.02
CA GLN B 28 -2.56 -2.98 9.46
C GLN B 28 -2.56 -3.02 10.98
N PRO B 29 -3.05 -4.12 11.58
CA PRO B 29 -3.02 -4.29 13.02
C PRO B 29 -1.62 -4.43 13.57
N LEU B 30 -1.48 -4.22 14.87
CA LEU B 30 -0.20 -4.31 15.55
C LEU B 30 0.25 -5.76 15.57
N ARG B 31 1.56 -5.97 15.41
CA ARG B 31 2.21 -7.24 15.65
C ARG B 31 2.94 -7.16 17.00
N GLU B 32 3.35 -8.33 17.49
CA GLU B 32 4.16 -8.43 18.69
C GLU B 32 5.40 -7.55 18.53
N GLY B 33 5.66 -6.71 19.53
CA GLY B 33 6.84 -5.85 19.54
C GLY B 33 6.60 -4.46 18.94
N ASP B 34 5.48 -4.26 18.23
CA ASP B 34 5.19 -2.96 17.62
C ASP B 34 4.93 -1.93 18.72
N ILE B 35 5.49 -0.73 18.57
CA ILE B 35 5.41 0.31 19.58
C ILE B 35 4.49 1.44 19.10
N ARG B 36 3.59 1.88 19.97
CA ARG B 36 2.75 3.04 19.73
C ARG B 36 2.79 3.87 21.01
N GLY B 37 2.42 5.16 20.92
CA GLY B 37 2.62 6.06 22.05
C GLY B 37 1.58 7.17 22.08
N PRO B 38 1.97 8.35 22.62
CA PRO B 38 1.02 9.42 22.92
C PRO B 38 0.67 10.32 21.75
N CYS B 39 1.35 10.13 20.61
CA CYS B 39 1.11 10.96 19.45
C CYS B 39 0.24 10.24 18.43
N PRO B 40 -0.99 10.75 18.17
CA PRO B 40 -1.88 10.13 17.19
C PRO B 40 -1.37 10.30 15.75
N GLY B 41 -0.59 11.37 15.50
CA GLY B 41 -0.01 11.56 14.19
C GLY B 41 0.99 10.46 13.84
N LEU B 42 2.00 10.30 14.70
CA LEU B 42 3.01 9.28 14.50
C LEU B 42 2.39 7.88 14.54
N ASN B 43 1.45 7.66 15.48
CA ASN B 43 0.78 6.36 15.58
C ASN B 43 0.12 5.98 14.25
N THR B 44 -0.63 6.94 13.65
CA THR B 44 -1.30 6.67 12.39
C THR B 44 -0.28 6.41 11.28
N LEU B 45 0.80 7.20 11.22
CA LEU B 45 1.83 7.02 10.19
C LEU B 45 2.45 5.64 10.30
N ALA B 46 2.70 5.18 11.53
CA ALA B 46 3.28 3.86 11.72
C ALA B 46 2.29 2.77 11.29
N SER B 47 1.01 2.93 11.65
CA SER B 47 0.03 1.89 11.39
C SER B 47 -0.37 1.83 9.91
N HIS B 48 0.01 2.84 9.11
CA HIS B 48 -0.16 2.81 7.67
C HIS B 48 1.17 2.60 6.91
N GLY B 49 2.27 2.43 7.63
CA GLY B 49 3.56 2.12 7.01
C GLY B 49 4.27 3.31 6.39
N TYR B 50 3.86 4.55 6.70
CA TYR B 50 4.64 5.72 6.39
C TYR B 50 5.92 5.76 7.23
N LEU B 51 5.81 5.33 8.50
CA LEU B 51 6.94 5.01 9.34
C LEU B 51 7.08 3.50 9.39
N PRO B 52 8.24 2.96 9.83
CA PRO B 52 8.34 1.55 10.17
C PRO B 52 7.16 1.19 11.07
N ARG B 53 6.49 0.08 10.76
CA ARG B 53 5.29 -0.34 11.45
C ARG B 53 5.58 -0.71 12.89
N ASP B 54 6.84 -0.94 13.25
CA ASP B 54 7.18 -1.26 14.62
C ASP B 54 7.30 -0.01 15.49
N GLY B 55 7.15 1.18 14.91
CA GLY B 55 7.09 2.40 15.71
C GLY B 55 8.47 2.88 16.19
N VAL B 56 9.54 2.44 15.52
CA VAL B 56 10.88 2.90 15.82
C VAL B 56 11.47 3.41 14.52
N ALA B 57 11.99 4.64 14.53
CA ALA B 57 12.39 5.29 13.30
C ALA B 57 13.56 6.24 13.55
N THR B 58 14.24 6.61 12.45
CA THR B 58 15.24 7.65 12.48
C THR B 58 14.52 8.99 12.45
N PRO B 59 15.16 10.07 12.94
CA PRO B 59 14.62 11.41 12.79
C PRO B 59 14.26 11.75 11.35
N ALA B 60 15.12 11.37 10.39
CA ALA B 60 14.87 11.64 8.99
C ALA B 60 13.59 10.93 8.54
N GLN B 61 13.40 9.69 8.94
CA GLN B 61 12.17 8.95 8.60
C GLN B 61 10.94 9.65 9.16
N ILE B 62 11.02 10.16 10.39
CA ILE B 62 9.89 10.83 11.03
C ILE B 62 9.53 12.10 10.27
N ILE B 63 10.55 12.90 9.94
CA ILE B 63 10.32 14.14 9.24
C ILE B 63 9.65 13.86 7.90
N THR B 64 10.17 12.90 7.13
CA THR B 64 9.62 12.63 5.81
CA THR B 64 9.62 12.65 5.81
C THR B 64 8.20 12.08 5.94
N ALA B 65 7.96 11.23 6.94
CA ALA B 65 6.64 10.62 7.11
C ALA B 65 5.59 11.67 7.49
N THR B 66 5.93 12.63 8.36
CA THR B 66 4.96 13.65 8.74
C THR B 66 4.67 14.56 7.56
N GLN B 67 5.67 14.83 6.72
CA GLN B 67 5.48 15.63 5.51
C GLN B 67 4.64 14.85 4.49
N GLU B 68 5.01 13.60 4.20
CA GLU B 68 4.33 12.83 3.18
C GLU B 68 2.89 12.54 3.57
N GLY B 69 2.66 12.16 4.83
CA GLY B 69 1.37 11.69 5.28
C GLY B 69 0.40 12.82 5.62
N PHE B 70 0.90 13.94 6.17
CA PHE B 70 0.04 14.99 6.69
C PHE B 70 0.38 16.38 6.16
N ASN B 71 1.46 16.52 5.39
CA ASN B 71 1.95 17.83 4.99
C ASN B 71 2.32 18.67 6.19
N PHE B 72 2.88 18.03 7.23
CA PHE B 72 3.41 18.78 8.35
C PHE B 72 4.53 19.68 7.82
N GLU B 73 4.52 20.95 8.22
CA GLU B 73 5.49 21.91 7.71
C GLU B 73 6.90 21.53 8.20
N ASN B 74 7.88 21.73 7.33
CA ASN B 74 9.24 21.22 7.48
C ASN B 74 9.90 21.67 8.80
N ASN B 75 9.85 22.97 9.11
CA ASN B 75 10.50 23.46 10.32
C ASN B 75 9.77 22.95 11.57
N ALA B 76 8.42 22.90 11.51
CA ALA B 76 7.66 22.34 12.61
C ALA B 76 8.05 20.88 12.85
N ALA B 77 8.26 20.13 11.76
CA ALA B 77 8.68 18.74 11.85
C ALA B 77 10.07 18.63 12.48
N ILE B 78 10.98 19.51 12.07
CA ILE B 78 12.35 19.50 12.60
C ILE B 78 12.33 19.83 14.09
N VAL B 79 11.56 20.84 14.49
CA VAL B 79 11.48 21.24 15.88
C VAL B 79 10.95 20.11 16.75
N ALA B 80 9.84 19.47 16.35
CA ALA B 80 9.24 18.39 17.13
C ALA B 80 10.17 17.18 17.16
N THR B 81 10.76 16.83 16.02
CA THR B 81 11.42 15.53 15.89
C THR B 81 12.73 15.52 16.68
N TYR B 82 13.55 16.56 16.52
CA TYR B 82 14.85 16.56 17.18
C TYR B 82 14.70 16.87 18.68
N LEU B 83 13.62 17.58 19.07
CA LEU B 83 13.31 17.72 20.49
C LEU B 83 13.07 16.33 21.08
N GLY B 84 12.21 15.56 20.41
CA GLY B 84 11.91 14.22 20.88
C GLY B 84 13.16 13.33 20.87
N HIS B 85 13.98 13.45 19.82
CA HIS B 85 15.15 12.59 19.68
C HIS B 85 16.23 12.95 20.71
N LEU B 86 16.54 14.24 20.89
CA LEU B 86 17.58 14.66 21.84
C LEU B 86 17.26 14.15 23.25
N LEU B 87 15.99 14.29 23.67
CA LEU B 87 15.58 13.94 25.01
C LEU B 87 15.28 12.45 25.17
N ASN B 88 14.77 11.80 24.11
CA ASN B 88 14.15 10.49 24.28
C ASN B 88 14.65 9.43 23.32
N GLY B 89 15.54 9.80 22.39
CA GLY B 89 16.05 8.86 21.41
C GLY B 89 17.47 8.38 21.73
N ASN B 90 17.92 7.44 20.91
CA ASN B 90 19.28 6.91 20.99
C ASN B 90 20.12 7.62 19.94
N LEU B 91 21.02 8.49 20.42
CA LEU B 91 21.76 9.37 19.53
C LEU B 91 22.86 8.62 18.77
N VAL B 92 23.30 7.47 19.31
CA VAL B 92 24.34 6.67 18.67
C VAL B 92 23.75 5.84 17.53
N THR B 93 22.59 5.20 17.74
CA THR B 93 21.99 4.39 16.69
C THR B 93 21.09 5.24 15.80
N ASP B 94 20.80 6.48 16.22
CA ASP B 94 19.93 7.38 15.47
C ASP B 94 18.50 6.85 15.38
N LEU B 95 18.00 6.23 16.44
CA LEU B 95 16.66 5.65 16.46
C LEU B 95 15.87 6.20 17.66
N LEU B 96 14.58 6.47 17.41
CA LEU B 96 13.66 6.96 18.43
C LEU B 96 12.40 6.09 18.43
N SER B 97 12.00 5.66 19.61
CA SER B 97 10.73 5.00 19.84
C SER B 97 9.63 6.04 19.95
N ILE B 98 8.51 5.84 19.23
CA ILE B 98 7.40 6.76 19.32
C ILE B 98 6.55 6.47 20.55
N GLY B 99 6.93 5.44 21.31
CA GLY B 99 6.23 5.10 22.54
C GLY B 99 7.24 4.92 23.69
N GLY B 100 7.29 3.69 24.23
CA GLY B 100 8.08 3.40 25.40
C GLY B 100 9.40 2.71 25.04
N ALA B 101 10.04 2.13 26.06
CA ALA B 101 11.36 1.53 25.90
C ALA B 101 11.27 0.26 25.07
N THR B 102 12.30 0.01 24.28
CA THR B 102 12.30 -1.16 23.41
C THR B 102 13.75 -1.47 23.08
N PRO B 103 14.13 -2.75 22.98
CA PRO B 103 15.47 -3.12 22.51
C PRO B 103 15.71 -2.67 21.07
N LYS B 104 14.64 -2.39 20.32
CA LYS B 104 14.77 -2.00 18.92
C LYS B 104 15.53 -0.69 18.75
N THR B 105 15.69 0.14 19.80
CA THR B 105 16.46 1.38 19.64
C THR B 105 17.95 1.10 19.83
N GLY B 106 18.31 -0.13 20.23
CA GLY B 106 19.70 -0.54 20.33
C GLY B 106 20.26 -0.43 21.75
N PRO B 107 21.58 -0.66 21.94
CA PRO B 107 22.21 -0.61 23.27
C PRO B 107 21.93 0.70 24.01
N PRO B 108 21.48 0.65 25.28
CA PRO B 108 21.11 1.87 26.00
C PRO B 108 22.26 2.85 26.18
N PRO B 109 21.98 4.17 26.22
CA PRO B 109 23.01 5.17 26.51
C PRO B 109 23.40 5.11 27.98
N PRO B 110 24.54 5.73 28.38
CA PRO B 110 24.89 5.85 29.80
C PRO B 110 23.87 6.65 30.61
N PRO B 111 23.36 6.10 31.74
CA PRO B 111 22.46 6.87 32.61
C PRO B 111 23.23 8.13 33.02
N PRO B 112 22.60 9.30 33.25
CA PRO B 112 21.14 9.44 33.38
C PRO B 112 20.28 9.49 32.10
N ALA B 113 20.91 9.37 30.93
CA ALA B 113 20.19 9.30 29.67
C ALA B 113 19.51 7.93 29.56
N HIS B 114 18.46 7.83 28.72
CA HIS B 114 17.56 6.68 28.76
C HIS B 114 17.15 6.16 27.37
N ALA B 115 16.96 7.04 26.39
CA ALA B 115 16.39 6.65 25.09
C ALA B 115 15.09 5.86 25.30
N GLY B 116 14.28 6.35 26.24
CA GLY B 116 13.09 5.67 26.70
C GLY B 116 11.84 5.99 25.86
N GLY B 117 11.96 6.86 24.84
CA GLY B 117 10.90 7.08 23.88
C GLY B 117 10.00 8.23 24.28
N LEU B 118 9.03 8.56 23.39
CA LEU B 118 8.13 9.68 23.58
C LEU B 118 7.25 9.55 24.82
N ASN B 119 7.07 8.33 25.35
CA ASN B 119 6.30 8.13 26.57
C ASN B 119 6.94 8.81 27.79
N VAL B 120 8.25 9.10 27.75
CA VAL B 120 8.90 9.67 28.93
C VAL B 120 8.30 11.01 29.32
N HIS B 121 7.88 11.12 30.59
CA HIS B 121 7.13 12.27 31.11
C HIS B 121 8.07 13.34 31.68
N GLY B 122 7.69 14.62 31.55
CA GLY B 122 8.22 15.66 32.41
C GLY B 122 9.03 16.74 31.69
N THR B 123 9.67 16.44 30.55
CA THR B 123 10.43 17.46 29.83
C THR B 123 9.77 17.72 28.46
N PHE B 124 9.33 16.66 27.75
CA PHE B 124 8.53 16.79 26.54
C PHE B 124 7.06 16.43 26.84
N GLU B 125 6.71 15.13 26.81
CA GLU B 125 5.34 14.70 27.13
C GLU B 125 4.88 15.35 28.45
N GLY B 126 3.63 15.81 28.50
CA GLY B 126 3.09 16.42 29.69
C GLY B 126 1.55 16.38 29.76
N ASP B 127 1.02 17.24 30.61
CA ASP B 127 -0.31 17.10 31.19
C ASP B 127 -1.36 17.86 30.37
N ALA B 128 -2.63 17.58 30.68
CA ALA B 128 -3.79 18.26 30.12
C ALA B 128 -3.92 18.00 28.61
N GLY B 129 -3.62 16.78 28.18
CA GLY B 129 -3.86 16.39 26.80
C GLY B 129 -5.35 16.19 26.54
N MET B 130 -5.70 16.01 25.27
CA MET B 130 -7.08 15.90 24.82
C MET B 130 -7.61 14.49 25.00
N THR B 131 -6.84 13.48 24.56
CA THR B 131 -7.33 12.11 24.56
C THR B 131 -6.43 11.17 25.37
N ARG B 132 -5.36 11.73 25.97
CA ARG B 132 -4.48 10.99 26.87
C ARG B 132 -4.54 11.63 28.25
N ALA B 133 -4.51 10.78 29.30
CA ALA B 133 -4.57 11.22 30.68
C ALA B 133 -3.17 11.59 31.19
N ASP B 134 -3.12 12.46 32.23
CA ASP B 134 -1.89 12.87 32.86
C ASP B 134 -1.16 11.66 33.43
N GLU B 135 0.17 11.70 33.38
CA GLU B 135 1.04 10.62 33.84
C GLU B 135 0.74 10.26 35.31
N PHE B 136 0.33 11.25 36.11
CA PHE B 136 0.03 11.04 37.51
C PHE B 136 -0.97 9.90 37.68
N PHE B 137 -1.93 9.75 36.76
CA PHE B 137 -3.00 8.77 36.91
C PHE B 137 -2.57 7.39 36.42
N GLY B 138 -1.35 7.24 35.89
CA GLY B 138 -0.78 5.93 35.68
C GLY B 138 -0.53 5.55 34.21
N ASP B 139 -1.07 6.32 33.24
CA ASP B 139 -0.97 5.95 31.84
C ASP B 139 -1.07 7.20 30.97
N ASN B 140 0.07 7.64 30.45
CA ASN B 140 0.16 8.90 29.73
C ASN B 140 0.10 8.69 28.23
N HIS B 141 -0.11 7.44 27.78
CA HIS B 141 0.10 7.10 26.37
C HIS B 141 -1.16 6.54 25.70
N SER B 142 -1.96 5.75 26.43
CA SER B 142 -3.13 5.10 25.86
C SER B 142 -4.23 6.11 25.57
N PHE B 143 -5.00 5.83 24.52
CA PHE B 143 -6.25 6.52 24.30
C PHE B 143 -7.16 6.33 25.52
N ASN B 144 -7.84 7.39 25.93
CA ASN B 144 -8.73 7.38 27.07
C ASN B 144 -10.12 7.82 26.63
N GLN B 145 -11.08 6.88 26.71
CA GLN B 145 -12.41 7.06 26.17
C GLN B 145 -13.15 8.16 26.92
N THR B 146 -12.95 8.26 28.24
CA THR B 146 -13.61 9.28 29.05
C THR B 146 -13.21 10.67 28.55
N LEU B 147 -11.91 10.86 28.25
CA LEU B 147 -11.46 12.13 27.74
C LEU B 147 -12.01 12.38 26.32
N PHE B 148 -12.10 11.33 25.52
CA PHE B 148 -12.64 11.48 24.18
C PHE B 148 -14.11 11.88 24.28
N ASP B 149 -14.82 11.35 25.29
CA ASP B 149 -16.22 11.70 25.51
C ASP B 149 -16.36 13.20 25.79
N LYS B 150 -15.40 13.77 26.51
CA LYS B 150 -15.38 15.22 26.77
C LYS B 150 -15.11 16.01 25.49
N PHE B 151 -14.19 15.51 24.65
CA PHE B 151 -13.94 16.09 23.34
C PHE B 151 -15.24 16.16 22.53
N VAL B 152 -15.99 15.07 22.52
CA VAL B 152 -17.28 15.02 21.83
C VAL B 152 -18.25 16.01 22.47
N ASP B 153 -18.33 16.01 23.79
CA ASP B 153 -19.24 16.91 24.50
C ASP B 153 -18.93 18.37 24.13
N PHE B 154 -17.65 18.75 24.17
CA PHE B 154 -17.28 20.13 23.84
C PHE B 154 -17.56 20.43 22.38
N SER B 155 -17.37 19.44 21.51
CA SER B 155 -17.69 19.62 20.09
C SER B 155 -19.20 19.84 19.92
N ASN B 156 -20.02 19.13 20.69
CA ASN B 156 -21.47 19.33 20.61
C ASN B 156 -21.84 20.73 21.13
N ARG B 157 -21.20 21.16 22.21
CA ARG B 157 -21.58 22.38 22.91
C ARG B 157 -21.12 23.63 22.14
N TYR B 158 -19.99 23.55 21.43
CA TYR B 158 -19.38 24.76 20.89
C TYR B 158 -19.11 24.68 19.39
N GLY B 159 -19.22 23.49 18.77
CA GLY B 159 -18.85 23.34 17.38
C GLY B 159 -19.92 22.68 16.52
N GLY B 160 -21.17 22.63 16.99
CA GLY B 160 -22.26 22.06 16.21
C GLY B 160 -22.07 20.57 15.97
N GLY B 161 -21.33 19.90 16.87
CA GLY B 161 -21.07 18.47 16.76
C GLY B 161 -19.72 18.16 16.08
N PHE B 162 -18.97 19.21 15.74
CA PHE B 162 -17.67 19.08 15.09
C PHE B 162 -16.62 19.81 15.91
N TYR B 163 -15.35 19.39 15.72
CA TYR B 163 -14.24 20.03 16.40
C TYR B 163 -13.74 21.15 15.49
N ASN B 164 -13.80 22.38 16.00
CA ASN B 164 -13.31 23.52 15.23
C ASN B 164 -12.57 24.43 16.20
N LEU B 165 -12.09 25.57 15.70
CA LEU B 165 -11.21 26.42 16.50
C LEU B 165 -11.90 26.93 17.77
N THR B 166 -13.22 27.16 17.72
CA THR B 166 -13.95 27.60 18.91
C THR B 166 -13.91 26.51 19.99
N VAL B 167 -14.13 25.26 19.57
CA VAL B 167 -14.11 24.13 20.47
C VAL B 167 -12.72 24.00 21.10
N ALA B 168 -11.68 24.18 20.29
CA ALA B 168 -10.30 24.04 20.74
C ALA B 168 -10.01 24.99 21.90
N GLY B 169 -10.45 26.25 21.76
CA GLY B 169 -10.25 27.21 22.82
C GLY B 169 -10.90 26.78 24.13
N GLU B 170 -12.14 26.29 24.04
CA GLU B 170 -12.90 25.90 25.23
C GLU B 170 -12.30 24.64 25.86
N LEU B 171 -11.96 23.65 25.02
CA LEU B 171 -11.51 22.37 25.53
C LEU B 171 -10.15 22.51 26.22
N ARG B 172 -9.24 23.27 25.60
CA ARG B 172 -7.90 23.42 26.14
C ARG B 172 -7.97 23.97 27.57
N TYR B 173 -8.77 25.02 27.76
CA TYR B 173 -8.90 25.64 29.08
C TYR B 173 -9.51 24.66 30.07
N SER B 174 -10.58 23.98 29.65
CA SER B 174 -11.30 23.08 30.55
C SER B 174 -10.38 21.93 30.98
N ARG B 175 -9.52 21.46 30.07
CA ARG B 175 -8.60 20.37 30.41
C ARG B 175 -7.56 20.85 31.41
N ILE B 176 -7.08 22.10 31.26
CA ILE B 176 -6.19 22.67 32.26
C ILE B 176 -6.87 22.67 33.64
N GLN B 177 -8.12 23.12 33.69
CA GLN B 177 -8.87 23.15 34.95
C GLN B 177 -9.04 21.75 35.55
N ASP B 178 -9.35 20.73 34.71
CA ASP B 178 -9.43 19.36 35.20
C ASP B 178 -8.15 18.95 35.92
N SER B 179 -6.99 19.25 35.30
CA SER B 179 -5.71 18.83 35.86
C SER B 179 -5.41 19.62 37.14
N ILE B 180 -5.75 20.92 37.19
CA ILE B 180 -5.55 21.70 38.39
C ILE B 180 -6.31 21.05 39.55
N ALA B 181 -7.56 20.69 39.30
CA ALA B 181 -8.48 20.18 40.32
C ALA B 181 -8.11 18.76 40.77
N THR B 182 -7.43 17.96 39.93
CA THR B 182 -7.34 16.53 40.24
C THR B 182 -5.91 16.02 40.29
N ASN B 183 -4.94 16.81 39.79
CA ASN B 183 -3.59 16.28 39.64
C ASN B 183 -2.67 17.15 40.50
N PRO B 184 -2.23 16.65 41.67
CA PRO B 184 -1.38 17.46 42.56
C PRO B 184 0.02 17.72 42.00
N GLU B 185 0.43 16.94 40.98
CA GLU B 185 1.73 17.10 40.35
C GLU B 185 1.62 17.82 39.00
N PHE B 186 0.46 18.41 38.70
CA PHE B 186 0.21 19.08 37.44
C PHE B 186 1.26 20.15 37.15
N GLN B 187 1.89 20.04 35.97
CA GLN B 187 2.84 21.02 35.47
C GLN B 187 2.36 21.48 34.09
N PHE B 188 2.44 22.79 33.85
CA PHE B 188 2.07 23.35 32.57
C PHE B 188 3.01 24.50 32.22
N LYS B 189 4.28 24.17 32.02
CA LYS B 189 5.29 25.19 31.77
C LYS B 189 6.34 24.68 30.78
N ASN B 190 7.26 25.57 30.40
CA ASN B 190 8.37 25.23 29.51
C ASN B 190 7.83 24.54 28.25
N VAL B 191 8.34 23.35 27.91
CA VAL B 191 7.99 22.73 26.65
C VAL B 191 6.48 22.55 26.58
N ARG B 192 5.90 22.01 27.64
CA ARG B 192 4.49 21.60 27.59
C ARG B 192 3.58 22.80 27.33
N PHE B 193 3.91 23.96 27.90
CA PHE B 193 3.07 25.13 27.75
C PHE B 193 2.96 25.49 26.27
N ILE B 194 4.06 25.35 25.54
CA ILE B 194 4.08 25.71 24.13
C ILE B 194 3.38 24.62 23.31
N THR B 195 3.73 23.34 23.53
CA THR B 195 3.22 22.25 22.69
C THR B 195 1.72 22.04 22.90
N ALA B 196 1.19 22.38 24.08
CA ALA B 196 -0.20 22.12 24.40
C ALA B 196 -1.15 22.96 23.55
N TYR B 197 -0.74 24.14 23.08
CA TYR B 197 -1.62 24.97 22.27
C TYR B 197 -1.60 24.46 20.84
N GLY B 198 -0.41 24.17 20.30
CA GLY B 198 -0.28 23.64 18.96
C GLY B 198 -1.05 22.35 18.76
N GLU B 199 -0.98 21.45 19.75
CA GLU B 199 -1.60 20.14 19.61
CA GLU B 199 -1.61 20.14 19.66
C GLU B 199 -3.12 20.28 19.48
N THR B 200 -3.71 21.36 20.00
CA THR B 200 -5.16 21.51 19.94
C THR B 200 -5.64 21.98 18.57
N VAL B 201 -4.75 22.52 17.72
CA VAL B 201 -5.15 22.91 16.37
C VAL B 201 -4.68 21.90 15.33
N PHE B 202 -3.76 21.01 15.67
CA PHE B 202 -3.33 20.00 14.70
C PHE B 202 -4.53 19.24 14.15
N PRO B 203 -5.54 18.85 14.95
CA PRO B 203 -6.70 18.14 14.40
C PRO B 203 -7.44 18.96 13.32
N ILE B 204 -7.45 20.29 13.46
CA ILE B 204 -8.12 21.13 12.48
C ILE B 204 -7.26 21.27 11.23
N ASN B 205 -5.97 21.55 11.42
CA ASN B 205 -5.11 21.89 10.30
C ASN B 205 -4.65 20.65 9.53
N LEU B 206 -4.54 19.50 10.22
CA LEU B 206 -3.91 18.34 9.63
C LEU B 206 -4.81 17.12 9.54
N PHE B 207 -5.83 17.01 10.42
CA PHE B 207 -6.68 15.82 10.41
C PHE B 207 -7.94 16.02 9.57
N VAL B 208 -8.27 17.27 9.27
CA VAL B 208 -9.33 17.58 8.34
C VAL B 208 -8.80 17.41 6.93
N ASP B 209 -9.59 16.77 6.07
CA ASP B 209 -9.20 16.42 4.73
C ASP B 209 -8.80 17.70 3.97
N GLY B 210 -7.73 17.60 3.18
CA GLY B 210 -7.15 18.76 2.50
C GLY B 210 -8.05 19.31 1.38
N ARG B 211 -9.03 18.53 0.93
CA ARG B 211 -9.99 18.99 -0.06
C ARG B 211 -11.04 19.89 0.57
N VAL B 212 -11.09 19.97 1.90
CA VAL B 212 -11.96 20.93 2.56
C VAL B 212 -11.22 22.26 2.68
N THR B 213 -11.66 23.27 1.92
CA THR B 213 -10.97 24.56 1.88
C THR B 213 -11.66 25.56 2.81
N THR B 214 -12.96 25.36 3.06
CA THR B 214 -13.75 26.32 3.80
C THR B 214 -14.36 25.69 5.06
N ASP B 215 -14.36 26.44 6.16
CA ASP B 215 -15.08 26.06 7.37
C ASP B 215 -14.54 24.72 7.85
N ARG B 216 -13.24 24.68 8.15
CA ARG B 216 -12.57 23.44 8.44
C ARG B 216 -12.99 22.95 9.83
N LYS B 217 -13.42 21.71 9.90
CA LYS B 217 -13.94 21.15 11.13
C LYS B 217 -13.83 19.64 11.07
N LEU B 218 -13.60 19.00 12.22
CA LEU B 218 -13.34 17.57 12.23
C LEU B 218 -14.56 16.83 12.79
N SER B 219 -14.99 15.80 12.06
CA SER B 219 -16.07 14.93 12.53
C SER B 219 -15.57 14.04 13.65
N MET B 220 -16.49 13.58 14.50
CA MET B 220 -16.13 12.74 15.61
C MET B 220 -15.72 11.36 15.11
N GLU B 221 -16.27 10.94 13.95
CA GLU B 221 -15.90 9.67 13.34
C GLU B 221 -14.41 9.70 12.93
N ASP B 222 -13.99 10.77 12.26
CA ASP B 222 -12.61 10.92 11.81
C ASP B 222 -11.68 11.08 13.00
N ALA B 223 -12.12 11.85 14.00
CA ALA B 223 -11.35 11.99 15.23
C ALA B 223 -11.12 10.62 15.89
N ALA B 224 -12.17 9.80 16.02
CA ALA B 224 -12.00 8.51 16.69
C ALA B 224 -11.06 7.61 15.87
N SER B 225 -11.23 7.65 14.55
CA SER B 225 -10.42 6.84 13.66
C SER B 225 -8.94 7.09 13.91
N ILE B 226 -8.55 8.35 14.03
CA ILE B 226 -7.15 8.73 14.19
C ILE B 226 -6.69 8.57 15.64
N PHE B 227 -7.41 9.20 16.58
CA PHE B 227 -7.00 9.21 17.99
C PHE B 227 -7.06 7.82 18.62
N ARG B 228 -8.08 7.03 18.28
CA ARG B 228 -8.27 5.73 18.91
C ARG B 228 -7.66 4.64 18.03
N ASP B 229 -8.00 4.60 16.75
CA ASP B 229 -7.66 3.43 15.94
C ASP B 229 -6.35 3.59 15.18
N MET B 230 -5.75 4.79 15.16
CA MET B 230 -4.52 5.03 14.42
CA MET B 230 -4.51 5.03 14.42
C MET B 230 -4.72 4.79 12.94
N ARG B 231 -5.88 5.22 12.42
CA ARG B 231 -6.30 4.91 11.07
CA ARG B 231 -6.29 4.92 11.06
C ARG B 231 -6.75 6.20 10.38
N PHE B 232 -6.19 6.46 9.19
CA PHE B 232 -6.67 7.54 8.36
C PHE B 232 -8.14 7.31 8.01
N PRO B 233 -8.98 8.37 7.94
CA PRO B 233 -10.29 8.24 7.32
C PRO B 233 -10.17 7.64 5.92
N ASP B 234 -11.21 6.94 5.48
CA ASP B 234 -11.28 6.45 4.12
C ASP B 234 -11.00 7.59 3.15
N ASP B 235 -10.17 7.32 2.14
CA ASP B 235 -9.92 8.25 1.04
C ASP B 235 -9.26 9.54 1.53
N PHE B 236 -8.53 9.50 2.65
CA PHE B 236 -8.03 10.71 3.26
C PHE B 236 -7.00 11.39 2.35
N HIS B 237 -7.21 12.68 2.12
CA HIS B 237 -6.25 13.54 1.43
C HIS B 237 -5.65 14.52 2.44
N ARG B 238 -4.32 14.61 2.44
CA ARG B 238 -3.61 15.50 3.35
C ARG B 238 -3.91 16.96 3.01
N SER B 239 -3.60 17.84 3.98
CA SER B 239 -3.63 19.28 3.80
C SER B 239 -3.05 19.68 2.45
N ALA B 240 -3.69 20.67 1.81
CA ALA B 240 -3.31 21.14 0.48
C ALA B 240 -2.06 22.03 0.54
N VAL B 241 -1.67 22.46 1.77
CA VAL B 241 -0.47 23.25 2.00
C VAL B 241 0.26 22.70 3.23
N PRO B 242 1.60 22.87 3.32
CA PRO B 242 2.31 22.59 4.55
C PRO B 242 1.64 23.36 5.69
N ALA B 243 1.45 22.70 6.84
CA ALA B 243 0.75 23.35 7.93
C ALA B 243 1.23 22.78 9.27
N SER B 244 0.89 23.48 10.35
CA SER B 244 1.25 23.08 11.69
C SER B 244 0.30 23.73 12.69
N ASN B 245 0.71 24.84 13.31
CA ASN B 245 0.02 25.36 14.49
C ASN B 245 -0.76 26.64 14.18
N GLU B 246 -1.23 26.81 12.95
CA GLU B 246 -2.07 27.96 12.61
C GLU B 246 -3.30 27.98 13.52
N GLY B 247 -3.52 29.13 14.18
CA GLY B 247 -4.67 29.38 15.03
C GLY B 247 -4.40 29.11 16.51
N ALA B 248 -3.22 28.60 16.86
CA ALA B 248 -2.92 28.33 18.26
C ALA B 248 -2.96 29.59 19.10
N ASP B 249 -2.57 30.73 18.50
CA ASP B 249 -2.65 32.03 19.15
C ASP B 249 -4.09 32.34 19.58
N GLN B 250 -5.07 31.99 18.74
CA GLN B 250 -6.47 32.26 19.03
C GLN B 250 -6.99 31.36 20.15
N VAL B 251 -6.43 30.14 20.27
CA VAL B 251 -6.82 29.23 21.31
C VAL B 251 -6.41 29.82 22.67
N LEU B 252 -5.18 30.34 22.73
CA LEU B 252 -4.70 31.01 23.94
C LEU B 252 -5.53 32.26 24.23
N ALA B 253 -5.81 33.07 23.20
CA ALA B 253 -6.54 34.33 23.37
C ALA B 253 -7.95 34.11 23.94
N ALA B 254 -8.60 32.98 23.60
CA ALA B 254 -9.94 32.68 24.10
C ALA B 254 -9.96 32.54 25.63
N HIS B 255 -8.86 32.05 26.21
CA HIS B 255 -8.74 31.92 27.66
C HIS B 255 -7.28 32.11 28.04
N PRO B 256 -6.83 33.39 28.16
CA PRO B 256 -5.44 33.71 28.53
C PRO B 256 -4.99 32.89 29.73
N TRP B 257 -3.77 32.40 29.66
CA TRP B 257 -3.25 31.49 30.65
C TRP B 257 -1.73 31.63 30.72
N VAL B 258 -1.19 31.38 31.91
CA VAL B 258 0.20 31.66 32.20
C VAL B 258 0.86 30.35 32.60
N PRO B 259 2.11 30.07 32.14
CA PRO B 259 2.79 28.84 32.52
C PRO B 259 2.96 28.77 34.03
N GLY B 260 2.92 27.54 34.54
CA GLY B 260 3.03 27.30 35.96
C GLY B 260 2.74 25.85 36.29
N GLY B 261 2.20 25.62 37.49
CA GLY B 261 1.89 24.28 37.97
C GLY B 261 1.27 24.34 39.37
N ASN B 262 0.68 23.22 39.79
CA ASN B 262 0.26 23.04 41.17
C ASN B 262 1.50 22.93 42.04
N ALA B 263 1.61 23.79 43.08
CA ALA B 263 2.75 23.73 43.98
C ALA B 263 2.47 22.81 45.16
N ASP B 264 3.54 22.23 45.71
CA ASP B 264 3.56 21.61 47.03
C ASP B 264 2.61 20.42 47.09
N ASN B 265 2.51 19.67 45.98
CA ASN B 265 1.83 18.39 45.96
C ASN B 265 0.37 18.56 46.40
N GLN B 266 -0.26 19.67 45.98
CA GLN B 266 -1.64 19.94 46.30
C GLN B 266 -2.42 20.32 45.05
N VAL B 267 -3.68 19.89 45.00
CA VAL B 267 -4.61 20.32 43.97
C VAL B 267 -5.07 21.74 44.24
N ASN B 268 -5.72 22.34 43.25
CA ASN B 268 -6.22 23.70 43.28
C ASN B 268 -5.21 24.66 43.88
N ASN B 269 -3.95 24.55 43.45
CA ASN B 269 -2.87 25.33 44.01
C ASN B 269 -1.91 25.77 42.91
N TYR B 270 -2.46 26.40 41.86
CA TYR B 270 -1.68 26.70 40.66
C TYR B 270 -0.90 28.00 40.85
N VAL B 271 0.43 27.92 40.73
CA VAL B 271 1.34 29.05 40.86
C VAL B 271 2.02 29.31 39.52
N GLU B 272 2.00 30.58 39.09
CA GLU B 272 2.66 31.00 37.86
CA GLU B 272 2.66 31.01 37.87
C GLU B 272 4.17 30.83 37.99
N ASP B 273 4.83 30.49 36.87
CA ASP B 273 6.29 30.45 36.78
C ASP B 273 6.74 31.52 35.79
N PRO B 274 7.30 32.66 36.27
CA PRO B 274 7.66 33.76 35.38
C PRO B 274 8.91 33.53 34.53
N ASP B 275 9.71 32.53 34.90
CA ASP B 275 10.92 32.16 34.16
C ASP B 275 10.65 31.22 32.98
N SER B 276 9.43 30.68 32.88
CA SER B 276 9.09 29.72 31.83
C SER B 276 9.07 30.40 30.47
N ALA B 277 9.33 29.61 29.43
CA ALA B 277 8.95 30.02 28.08
C ALA B 277 7.47 30.35 28.02
N ASP B 278 7.12 31.25 27.10
CA ASP B 278 5.75 31.49 26.69
C ASP B 278 5.81 31.94 25.23
N PHE B 279 4.68 32.36 24.67
CA PHE B 279 4.62 32.59 23.23
C PHE B 279 5.33 33.87 22.80
N THR B 280 5.66 34.76 23.75
CA THR B 280 6.50 35.91 23.41
C THR B 280 7.92 35.72 23.93
N HIS B 281 8.24 34.52 24.44
CA HIS B 281 9.58 34.21 24.93
C HIS B 281 9.97 32.80 24.51
N LEU B 282 9.92 32.52 23.20
CA LEU B 282 10.07 31.16 22.69
C LEU B 282 11.49 30.65 22.86
N CYS B 283 12.47 31.56 22.79
CA CYS B 283 13.87 31.13 22.86
C CYS B 283 14.19 30.53 24.24
N ARG B 284 13.41 30.87 25.26
CA ARG B 284 13.57 30.24 26.56
C ARG B 284 13.37 28.73 26.46
N LEU B 285 12.48 28.30 25.56
CA LEU B 285 12.25 26.87 25.37
C LEU B 285 13.53 26.22 24.86
N TYR B 286 14.17 26.86 23.87
CA TYR B 286 15.40 26.34 23.30
C TYR B 286 16.48 26.24 24.38
N GLU B 287 16.66 27.30 25.17
CA GLU B 287 17.71 27.34 26.19
C GLU B 287 17.41 26.29 27.25
N PHE B 288 16.14 26.17 27.64
CA PHE B 288 15.74 25.20 28.66
C PHE B 288 16.12 23.80 28.22
N VAL B 289 15.79 23.46 26.96
CA VAL B 289 16.00 22.12 26.46
C VAL B 289 17.50 21.84 26.33
N VAL B 290 18.29 22.83 25.91
CA VAL B 290 19.73 22.60 25.80
C VAL B 290 20.30 22.26 27.18
N GLY B 291 19.82 22.96 28.22
CA GLY B 291 20.15 22.63 29.60
C GLY B 291 19.72 21.21 29.98
N SER B 292 18.50 20.83 29.59
CA SER B 292 18.03 19.48 29.89
C SER B 292 18.92 18.45 29.23
N VAL B 293 19.35 18.71 27.99
CA VAL B 293 20.21 17.77 27.29
C VAL B 293 21.52 17.60 28.06
N GLN B 294 22.04 18.70 28.62
CA GLN B 294 23.31 18.62 29.35
C GLN B 294 23.14 17.79 30.63
N GLU B 295 21.96 17.84 31.25
CA GLU B 295 21.68 17.03 32.44
C GLU B 295 21.63 15.55 32.07
N LEU B 296 21.09 15.19 30.90
CA LEU B 296 21.09 13.81 30.44
C LEU B 296 22.50 13.35 30.05
N TYR B 297 23.29 14.27 29.49
CA TYR B 297 24.58 13.91 28.91
C TYR B 297 25.65 14.87 29.44
N PRO B 298 26.08 14.78 30.72
CA PRO B 298 27.02 15.75 31.27
C PRO B 298 28.43 15.72 30.68
N ASN B 299 28.90 14.54 30.28
CA ASN B 299 30.27 14.40 29.81
C ASN B 299 30.35 13.30 28.77
N PRO B 300 29.71 13.48 27.59
CA PRO B 300 29.77 12.46 26.55
C PRO B 300 31.13 12.49 25.84
N THR B 301 31.49 11.34 25.26
CA THR B 301 32.70 11.22 24.47
C THR B 301 32.36 10.44 23.20
N GLY B 302 33.33 10.36 22.29
CA GLY B 302 33.23 9.52 21.11
C GLY B 302 32.07 9.91 20.20
N ILE B 303 31.43 8.87 19.63
CA ILE B 303 30.34 9.03 18.67
C ILE B 303 29.16 9.70 19.36
N LEU B 304 28.89 9.40 20.63
CA LEU B 304 27.81 10.03 21.36
C LEU B 304 27.98 11.55 21.39
N ARG B 305 29.19 12.01 21.71
CA ARG B 305 29.47 13.44 21.77
CA ARG B 305 29.45 13.44 21.77
C ARG B 305 29.24 14.06 20.38
N ARG B 306 29.80 13.40 19.37
CA ARG B 306 29.71 13.89 18.00
C ARG B 306 28.24 13.99 17.56
N ASN B 307 27.46 12.95 17.85
CA ASN B 307 26.06 12.89 17.41
C ASN B 307 25.22 13.89 18.19
N LEU B 308 25.57 14.17 19.45
CA LEU B 308 24.89 15.21 20.19
C LEU B 308 25.09 16.57 19.53
N ILE B 309 26.33 16.86 19.13
CA ILE B 309 26.65 18.13 18.54
C ILE B 309 25.84 18.31 17.25
N LYS B 310 25.82 17.26 16.44
CA LYS B 310 25.12 17.31 15.16
C LYS B 310 23.60 17.48 15.35
N ASN B 311 23.02 16.70 16.26
CA ASN B 311 21.57 16.73 16.49
C ASN B 311 21.17 18.07 17.09
N LEU B 312 22.00 18.65 17.96
CA LEU B 312 21.70 19.95 18.51
C LEU B 312 21.66 21.00 17.41
N HIS B 313 22.62 20.91 16.48
CA HIS B 313 22.67 21.80 15.34
C HIS B 313 21.42 21.61 14.45
N TYR B 314 21.08 20.35 14.14
CA TYR B 314 19.91 20.09 13.30
C TYR B 314 18.67 20.71 13.93
N TRP B 315 18.53 20.54 15.25
CA TRP B 315 17.38 21.07 15.95
C TRP B 315 17.33 22.58 15.80
N TRP B 316 18.49 23.22 16.02
CA TRP B 316 18.58 24.66 15.91
C TRP B 316 18.17 25.14 14.53
N THR B 317 18.48 24.40 13.46
CA THR B 317 18.12 24.84 12.12
C THR B 317 16.61 25.04 12.03
N GLY B 318 15.82 24.18 12.66
CA GLY B 318 14.38 24.38 12.68
C GLY B 318 13.95 25.44 13.68
N VAL B 319 14.53 25.40 14.88
CA VAL B 319 14.16 26.34 15.93
C VAL B 319 14.39 27.77 15.47
N ASN B 320 15.52 28.01 14.80
CA ASN B 320 15.90 29.36 14.41
C ASN B 320 14.80 29.99 13.55
N VAL B 321 14.21 29.20 12.65
CA VAL B 321 13.12 29.69 11.82
C VAL B 321 11.82 29.71 12.62
N ALA B 322 11.44 28.61 13.23
CA ALA B 322 10.13 28.52 13.86
C ALA B 322 9.96 29.52 15.00
N PHE B 323 11.04 29.85 15.71
CA PHE B 323 10.93 30.71 16.88
C PHE B 323 11.33 32.14 16.54
N GLY B 324 11.65 32.43 15.29
CA GLY B 324 11.91 33.79 14.86
C GLY B 324 13.29 34.29 15.29
N GLY B 325 14.27 33.37 15.39
CA GLY B 325 15.66 33.73 15.62
C GLY B 325 16.09 33.46 17.05
N CYS B 326 17.00 32.49 17.25
CA CYS B 326 17.56 32.18 18.55
C CYS B 326 19.06 32.01 18.36
N ASP B 327 19.84 32.55 19.29
CA ASP B 327 21.29 32.40 19.24
C ASP B 327 21.63 30.93 19.50
N GLU B 328 22.35 30.31 18.56
CA GLU B 328 22.71 28.91 18.69
C GLU B 328 23.65 28.73 19.88
N LEU B 329 23.39 27.66 20.65
CA LEU B 329 24.25 27.28 21.75
C LEU B 329 25.06 26.05 21.35
N PHE B 330 26.29 25.97 21.87
CA PHE B 330 27.21 24.88 21.57
C PHE B 330 27.72 24.32 22.90
N PRO B 331 26.87 23.59 23.65
CA PRO B 331 27.26 23.10 24.97
C PRO B 331 28.43 22.13 24.98
N TYR B 332 28.75 21.54 23.83
CA TYR B 332 29.84 20.59 23.73
C TYR B 332 30.91 21.06 22.74
N GLY B 333 30.93 22.37 22.44
CA GLY B 333 31.81 22.90 21.43
C GLY B 333 31.34 22.52 20.02
N GLN B 334 32.28 22.50 19.07
CA GLN B 334 31.99 22.20 17.68
CA GLN B 334 32.03 22.22 17.67
C GLN B 334 32.77 20.96 17.23
N LEU B 335 32.49 20.51 16.00
CA LEU B 335 33.12 19.34 15.42
C LEU B 335 34.55 19.71 14.96
N GLN C 1 -5.81 18.02 -14.10
CA GLN C 1 -6.31 17.20 -15.25
C GLN C 1 -5.12 16.44 -15.86
N GLY C 2 -5.20 16.07 -17.15
CA GLY C 2 -4.08 15.51 -17.87
C GLY C 2 -4.29 15.55 -19.40
N VAL C 3 -3.50 14.72 -20.09
CA VAL C 3 -3.42 14.71 -21.54
C VAL C 3 -4.04 13.43 -22.08
N ASP C 4 -4.52 13.49 -23.34
CA ASP C 4 -4.96 12.32 -24.09
C ASP C 4 -3.84 11.89 -25.04
N PRO C 5 -3.08 10.80 -24.76
CA PRO C 5 -1.82 10.53 -25.46
C PRO C 5 -2.05 9.97 -26.86
N PRO C 6 -1.45 10.54 -27.93
CA PRO C 6 -1.69 10.09 -29.30
C PRO C 6 -0.92 8.81 -29.59
N PRO C 7 -1.32 8.04 -30.63
CA PRO C 7 -0.56 6.88 -31.05
C PRO C 7 0.84 7.29 -31.49
N PRO C 8 1.84 6.38 -31.42
CA PRO C 8 3.21 6.73 -31.79
C PRO C 8 3.29 7.05 -33.28
N PRO C 9 4.21 7.94 -33.68
CA PRO C 9 4.51 8.13 -35.10
C PRO C 9 4.87 6.81 -35.74
N GLY C 10 4.60 6.72 -37.04
CA GLY C 10 5.17 5.70 -37.89
C GLY C 10 6.57 6.08 -38.36
N PRO C 11 7.16 5.27 -39.27
CA PRO C 11 8.50 5.53 -39.81
C PRO C 11 8.60 6.91 -40.42
N PRO C 12 9.80 7.52 -40.51
CA PRO C 12 9.91 8.82 -41.17
C PRO C 12 9.60 8.66 -42.67
N SER C 13 9.05 9.73 -43.26
CA SER C 13 8.70 9.76 -44.68
CA SER C 13 8.71 9.78 -44.68
C SER C 13 9.93 9.43 -45.53
N PHE C 14 11.08 9.98 -45.15
CA PHE C 14 12.33 9.73 -45.84
C PHE C 14 13.24 8.92 -44.94
N THR C 15 13.73 7.78 -45.42
CA THR C 15 14.56 6.88 -44.62
C THR C 15 15.99 6.76 -45.15
N GLY C 16 16.42 7.65 -46.04
CA GLY C 16 17.81 7.63 -46.51
C GLY C 16 18.73 8.45 -45.61
N THR C 17 20.01 8.54 -46.00
CA THR C 17 20.97 9.33 -45.23
C THR C 17 20.67 10.80 -45.43
N LYS C 18 21.10 11.60 -44.46
CA LYS C 18 21.07 13.05 -44.57
C LYS C 18 21.94 13.64 -43.47
N LEU C 19 22.30 14.91 -43.64
CA LEU C 19 23.04 15.66 -42.64
C LEU C 19 22.09 15.92 -41.47
N VAL C 20 22.50 15.49 -40.27
CA VAL C 20 21.64 15.71 -39.12
C VAL C 20 22.25 16.76 -38.19
N ASN C 21 23.58 16.91 -38.25
CA ASN C 21 24.25 17.98 -37.52
C ASN C 21 24.21 19.24 -38.36
N ASP C 22 23.04 19.90 -38.41
CA ASP C 22 22.78 20.92 -39.41
C ASP C 22 22.46 22.24 -38.71
N ALA C 23 22.16 23.27 -39.48
CA ALA C 23 22.03 24.63 -38.98
C ALA C 23 20.86 24.73 -38.01
N ASP C 24 19.81 23.94 -38.27
CA ASP C 24 18.62 24.00 -37.45
C ASP C 24 18.79 23.24 -36.12
N HIS C 25 19.84 22.42 -35.99
CA HIS C 25 20.03 21.54 -34.85
C HIS C 25 21.44 21.72 -34.30
N PRO C 26 21.81 22.94 -33.85
CA PRO C 26 23.14 23.17 -33.31
C PRO C 26 23.29 22.55 -31.92
N TRP C 27 24.45 21.99 -31.64
CA TRP C 27 24.81 21.68 -30.28
C TRP C 27 24.81 22.95 -29.44
N GLN C 28 24.23 22.87 -28.24
CA GLN C 28 24.30 23.94 -27.28
C GLN C 28 24.59 23.38 -25.89
N PRO C 29 25.34 24.13 -25.05
CA PRO C 29 25.72 23.62 -23.75
C PRO C 29 24.52 23.52 -22.83
N LEU C 30 24.65 22.67 -21.82
CA LEU C 30 23.62 22.46 -20.82
C LEU C 30 23.42 23.73 -20.01
N ARG C 31 22.16 24.04 -19.75
CA ARG C 31 21.77 25.11 -18.85
C ARG C 31 21.36 24.47 -17.52
N GLU C 32 21.39 25.28 -16.46
CA GLU C 32 20.82 24.88 -15.17
C GLU C 32 19.40 24.35 -15.41
N GLY C 33 19.09 23.18 -14.86
CA GLY C 33 17.75 22.62 -14.97
C GLY C 33 17.59 21.64 -16.14
N ASP C 34 18.50 21.68 -17.13
CA ASP C 34 18.47 20.71 -18.23
C ASP C 34 18.82 19.33 -17.70
N ILE C 35 18.07 18.30 -18.15
CA ILE C 35 18.27 16.93 -17.68
C ILE C 35 18.92 16.09 -18.76
N ARG C 36 19.90 15.30 -18.36
CA ARG C 36 20.53 14.32 -19.22
C ARG C 36 20.66 13.05 -18.38
N GLY C 37 20.87 11.89 -19.04
CA GLY C 37 20.82 10.64 -18.33
C GLY C 37 21.74 9.60 -18.93
N PRO C 38 21.36 8.30 -18.84
CA PRO C 38 22.24 7.20 -19.19
C PRO C 38 22.30 6.84 -20.66
N CYS C 39 21.44 7.48 -21.46
CA CYS C 39 21.39 7.16 -22.89
C CYS C 39 22.12 8.23 -23.71
N PRO C 40 23.25 7.89 -24.36
CA PRO C 40 23.97 8.84 -25.21
C PRO C 40 23.19 9.26 -26.44
N GLY C 41 22.29 8.39 -26.93
CA GLY C 41 21.46 8.76 -28.07
C GLY C 41 20.51 9.88 -27.73
N LEU C 42 19.69 9.69 -26.68
CA LEU C 42 18.74 10.71 -26.27
C LEU C 42 19.48 11.98 -25.81
N ASN C 43 20.60 11.81 -25.10
CA ASN C 43 21.36 12.95 -24.64
C ASN C 43 21.79 13.82 -25.84
N THR C 44 22.34 13.19 -26.89
CA THR C 44 22.77 13.92 -28.09
C THR C 44 21.60 14.60 -28.78
N LEU C 45 20.45 13.90 -28.88
CA LEU C 45 19.28 14.49 -29.50
C LEU C 45 18.81 15.72 -28.74
N ALA C 46 18.83 15.65 -27.40
CA ALA C 46 18.41 16.79 -26.60
C ALA C 46 19.38 17.96 -26.80
N SER C 47 20.67 17.68 -26.82
CA SER C 47 21.68 18.72 -26.87
C SER C 47 21.80 19.36 -28.26
N HIS C 48 21.17 18.74 -29.28
CA HIS C 48 21.07 19.33 -30.61
C HIS C 48 19.67 19.85 -30.92
N GLY C 49 18.74 19.75 -29.96
CA GLY C 49 17.41 20.30 -30.13
C GLY C 49 16.50 19.41 -30.99
N TYR C 50 16.87 18.15 -31.24
CA TYR C 50 15.94 17.18 -31.80
C TYR C 50 14.88 16.83 -30.76
N LEU C 51 15.27 16.75 -29.48
CA LEU C 51 14.36 16.73 -28.35
C LEU C 51 14.36 18.11 -27.68
N PRO C 52 13.35 18.43 -26.84
CA PRO C 52 13.44 19.60 -25.97
C PRO C 52 14.79 19.58 -25.26
N ARG C 53 15.47 20.74 -25.24
CA ARG C 53 16.83 20.80 -24.73
C ARG C 53 16.87 20.58 -23.21
N ASP C 54 15.73 20.69 -22.54
CA ASP C 54 15.69 20.43 -21.09
C ASP C 54 15.62 18.94 -20.78
N GLY C 55 15.52 18.07 -21.79
CA GLY C 55 15.63 16.62 -21.57
C GLY C 55 14.35 15.99 -21.01
N VAL C 56 13.22 16.65 -21.17
CA VAL C 56 11.93 16.10 -20.82
C VAL C 56 11.06 16.16 -22.07
N ALA C 57 10.41 15.04 -22.42
CA ALA C 57 9.75 14.92 -23.71
C ALA C 57 8.56 13.96 -23.64
N THR C 58 7.66 14.07 -24.62
CA THR C 58 6.59 13.10 -24.80
C THR C 58 7.17 11.88 -25.51
N PRO C 59 6.53 10.70 -25.36
CA PRO C 59 6.93 9.52 -26.13
C PRO C 59 7.00 9.79 -27.63
N ALA C 60 6.02 10.50 -28.15
CA ALA C 60 5.96 10.81 -29.58
C ALA C 60 7.18 11.63 -29.98
N GLN C 61 7.55 12.64 -29.17
CA GLN C 61 8.74 13.43 -29.46
C GLN C 61 9.99 12.57 -29.49
N ILE C 62 10.10 11.61 -28.58
CA ILE C 62 11.28 10.76 -28.52
C ILE C 62 11.37 9.89 -29.77
N ILE C 63 10.24 9.30 -30.17
CA ILE C 63 10.25 8.41 -31.32
C ILE C 63 10.66 9.20 -32.56
N THR C 64 10.08 10.40 -32.78
CA THR C 64 10.38 11.19 -33.95
CA THR C 64 10.38 11.17 -33.97
C THR C 64 11.84 11.63 -33.92
N ALA C 65 12.36 11.99 -32.73
CA ALA C 65 13.74 12.45 -32.62
C ALA C 65 14.73 11.34 -32.94
N THR C 66 14.48 10.12 -32.46
CA THR C 66 15.41 9.03 -32.71
C THR C 66 15.39 8.67 -34.20
N GLN C 67 14.23 8.76 -34.84
CA GLN C 67 14.12 8.52 -36.29
C GLN C 67 14.81 9.64 -37.08
N GLU C 68 14.49 10.90 -36.79
CA GLU C 68 15.02 12.01 -37.56
C GLU C 68 16.54 12.11 -37.39
N GLY C 69 17.02 11.94 -36.15
CA GLY C 69 18.42 12.17 -35.83
C GLY C 69 19.34 11.01 -36.15
N PHE C 70 18.86 9.78 -35.98
CA PHE C 70 19.72 8.62 -36.13
C PHE C 70 19.17 7.55 -37.08
N ASN C 71 17.93 7.72 -37.57
CA ASN C 71 17.27 6.69 -38.37
C ASN C 71 17.07 5.42 -37.53
N PHE C 72 16.77 5.60 -36.23
CA PHE C 72 16.41 4.46 -35.42
C PHE C 72 15.13 3.86 -36.00
N GLU C 73 15.08 2.54 -36.14
CA GLU C 73 13.93 1.86 -36.75
C GLU C 73 12.69 2.05 -35.87
N ASN C 74 11.54 2.23 -36.52
CA ASN C 74 10.30 2.67 -35.90
C ASN C 74 9.86 1.74 -34.75
N ASN C 75 9.81 0.44 -34.98
CA ASN C 75 9.35 -0.48 -33.94
C ASN C 75 10.37 -0.59 -32.82
N ALA C 76 11.67 -0.53 -33.12
CA ALA C 76 12.69 -0.49 -32.09
C ALA C 76 12.52 0.75 -31.23
N ALA C 77 12.18 1.88 -31.87
CA ALA C 77 11.94 3.13 -31.14
C ALA C 77 10.71 3.00 -30.25
N ILE C 78 9.65 2.37 -30.77
CA ILE C 78 8.41 2.19 -30.01
C ILE C 78 8.66 1.27 -28.82
N VAL C 79 9.39 0.17 -29.03
CA VAL C 79 9.68 -0.76 -27.95
C VAL C 79 10.46 -0.08 -26.82
N ALA C 80 11.54 0.65 -27.17
CA ALA C 80 12.34 1.31 -26.16
C ALA C 80 11.55 2.43 -25.48
N THR C 81 10.82 3.23 -26.24
CA THR C 81 10.27 4.48 -25.71
C THR C 81 9.13 4.18 -24.74
N TYR C 82 8.20 3.30 -25.10
CA TYR C 82 7.05 3.05 -24.25
C TYR C 82 7.45 2.16 -23.07
N LEU C 83 8.48 1.34 -23.21
CA LEU C 83 9.03 0.62 -22.06
C LEU C 83 9.52 1.66 -21.04
N GLY C 84 10.31 2.63 -21.51
CA GLY C 84 10.82 3.67 -20.64
C GLY C 84 9.69 4.51 -20.04
N HIS C 85 8.68 4.84 -20.86
CA HIS C 85 7.58 5.66 -20.38
C HIS C 85 6.70 4.92 -19.37
N LEU C 86 6.29 3.68 -19.67
CA LEU C 86 5.43 2.92 -18.77
C LEU C 86 6.06 2.79 -17.38
N LEU C 87 7.37 2.50 -17.33
CA LEU C 87 8.09 2.24 -16.09
C LEU C 87 8.54 3.53 -15.41
N ASN C 88 8.89 4.57 -16.19
CA ASN C 88 9.64 5.69 -15.65
C ASN C 88 9.04 7.05 -16.00
N GLY C 89 7.94 7.09 -16.74
CA GLY C 89 7.36 8.37 -17.13
C GLY C 89 6.07 8.67 -16.38
N ASN C 90 5.55 9.87 -16.62
CA ASN C 90 4.28 10.30 -16.07
C ASN C 90 3.19 10.09 -17.12
N LEU C 91 2.31 9.12 -16.86
CA LEU C 91 1.34 8.68 -17.85
C LEU C 91 0.21 9.70 -17.99
N VAL C 92 -0.02 10.51 -16.96
CA VAL C 92 -1.10 11.48 -16.98
C VAL C 92 -0.67 12.73 -17.75
N THR C 93 0.55 13.23 -17.54
CA THR C 93 1.03 14.40 -18.27
C THR C 93 1.68 14.00 -19.60
N ASP C 94 1.94 12.70 -19.79
CA ASP C 94 2.58 12.17 -21.00
C ASP C 94 4.00 12.69 -21.17
N LEU C 95 4.75 12.81 -20.06
CA LEU C 95 6.12 13.30 -20.12
C LEU C 95 7.07 12.30 -19.47
N LEU C 96 8.24 12.13 -20.07
CA LEU C 96 9.30 11.28 -19.57
C LEU C 96 10.59 12.08 -19.46
N SER C 97 11.25 11.98 -18.29
CA SER C 97 12.59 12.52 -18.12
C SER C 97 13.60 11.55 -18.67
N ILE C 98 14.57 12.03 -19.48
CA ILE C 98 15.58 11.13 -20.03
C ILE C 98 16.68 10.90 -19.00
N GLY C 99 16.56 11.54 -17.83
CA GLY C 99 17.50 11.35 -16.74
C GLY C 99 16.75 11.05 -15.44
N GLY C 100 16.90 11.97 -14.47
CA GLY C 100 16.40 11.76 -13.12
C GLY C 100 15.09 12.54 -12.88
N ALA C 101 14.69 12.62 -11.61
CA ALA C 101 13.41 13.18 -11.23
C ALA C 101 13.40 14.68 -11.45
N THR C 102 12.23 15.21 -11.80
CA THR C 102 12.14 16.63 -12.09
C THR C 102 10.69 17.05 -11.95
N PRO C 103 10.42 18.27 -11.43
CA PRO C 103 9.06 18.81 -11.45
C PRO C 103 8.50 19.00 -12.86
N LYS C 104 9.39 19.03 -13.86
CA LYS C 104 8.99 19.27 -15.24
C LYS C 104 8.05 18.17 -15.76
N THR C 105 8.05 16.97 -15.14
CA THR C 105 7.16 15.91 -15.60
C THR C 105 5.78 16.06 -14.97
N GLY C 106 5.62 17.01 -14.04
CA GLY C 106 4.31 17.30 -13.45
C GLY C 106 4.13 16.60 -12.10
N PRO C 107 2.91 16.69 -11.50
CA PRO C 107 2.63 16.06 -10.20
C PRO C 107 2.99 14.58 -10.17
N PRO C 108 3.70 14.09 -9.13
CA PRO C 108 4.07 12.69 -9.05
C PRO C 108 2.87 11.74 -9.08
N PRO C 109 3.02 10.54 -9.68
CA PRO C 109 1.96 9.53 -9.66
C PRO C 109 1.84 8.93 -8.27
N PRO C 110 0.75 8.21 -7.96
CA PRO C 110 0.65 7.41 -6.73
C PRO C 110 1.71 6.31 -6.63
N PRO C 111 2.44 6.23 -5.50
CA PRO C 111 3.42 5.17 -5.30
C PRO C 111 2.74 3.82 -5.38
N PRO C 112 3.45 2.71 -5.71
CA PRO C 112 4.90 2.72 -5.94
C PRO C 112 5.42 3.23 -7.29
N ALA C 113 4.51 3.74 -8.13
CA ALA C 113 4.91 4.44 -9.34
C ALA C 113 5.64 5.73 -8.97
N HIS C 114 6.53 6.21 -9.85
CA HIS C 114 7.48 7.25 -9.48
C HIS C 114 7.69 8.30 -10.57
N ALA C 115 7.60 7.92 -11.85
CA ALA C 115 7.93 8.84 -12.95
C ALA C 115 9.30 9.47 -12.71
N GLY C 116 10.24 8.64 -12.28
CA GLY C 116 11.55 9.09 -11.85
C GLY C 116 12.58 9.19 -12.98
N GLY C 117 12.19 8.83 -14.21
CA GLY C 117 13.06 9.01 -15.36
C GLY C 117 13.91 7.77 -15.64
N LEU C 118 14.63 7.83 -16.77
CA LEU C 118 15.45 6.72 -17.23
C LEU C 118 16.57 6.34 -16.26
N ASN C 119 16.96 7.25 -15.35
CA ASN C 119 17.96 6.95 -14.34
C ASN C 119 17.54 5.84 -13.38
N VAL C 120 16.23 5.58 -13.24
CA VAL C 120 15.76 4.57 -12.28
C VAL C 120 16.31 3.18 -12.62
N HIS C 121 16.93 2.55 -11.62
CA HIS C 121 17.63 1.29 -11.78
C HIS C 121 16.74 0.08 -11.51
N GLY C 122 16.98 -1.04 -12.20
CA GLY C 122 16.54 -2.34 -11.73
C GLY C 122 15.57 -3.07 -12.67
N THR C 123 14.71 -2.36 -13.42
CA THR C 123 13.78 -3.01 -14.33
CA THR C 123 13.81 -3.04 -14.34
C THR C 123 14.12 -2.64 -15.79
N PHE C 124 14.51 -1.38 -16.06
CA PHE C 124 15.03 -0.98 -17.38
C PHE C 124 16.55 -0.76 -17.28
N GLU C 125 17.00 0.44 -16.87
CA GLU C 125 18.42 0.72 -16.66
C GLU C 125 19.05 -0.42 -15.85
N GLY C 126 20.26 -0.85 -16.25
CA GLY C 126 20.96 -1.91 -15.54
C GLY C 126 22.47 -1.88 -15.78
N ASP C 127 23.06 -3.05 -15.47
CA ASP C 127 24.47 -3.15 -15.15
C ASP C 127 25.28 -3.50 -16.40
N ALA C 128 26.60 -3.36 -16.27
CA ALA C 128 27.56 -3.77 -17.29
C ALA C 128 27.42 -2.92 -18.55
N GLY C 129 27.18 -1.62 -18.38
CA GLY C 129 27.22 -0.69 -19.50
C GLY C 129 28.65 -0.43 -19.97
N MET C 130 28.78 0.24 -21.12
CA MET C 130 30.06 0.47 -21.75
C MET C 130 30.75 1.70 -21.16
N THR C 131 30.00 2.80 -20.99
CA THR C 131 30.58 4.06 -20.55
C THR C 131 29.94 4.56 -19.25
N ARG C 132 28.99 3.78 -18.70
CA ARG C 132 28.35 4.10 -17.44
C ARG C 132 28.63 2.98 -16.43
N ALA C 133 28.86 3.35 -15.16
CA ALA C 133 29.12 2.38 -14.09
C ALA C 133 27.81 1.85 -13.50
N ASP C 134 27.87 0.62 -12.95
CA ASP C 134 26.74 0.00 -12.29
C ASP C 134 26.26 0.88 -11.14
N GLU C 135 24.93 0.87 -10.93
CA GLU C 135 24.27 1.69 -9.93
C GLU C 135 24.85 1.43 -8.54
N PHE C 136 25.29 0.20 -8.27
CA PHE C 136 25.84 -0.17 -6.98
C PHE C 136 26.97 0.78 -6.58
N PHE C 137 27.78 1.23 -7.55
CA PHE C 137 28.96 2.03 -7.24
C PHE C 137 28.60 3.52 -7.09
N GLY C 138 27.33 3.89 -7.27
CA GLY C 138 26.87 5.21 -6.83
C GLY C 138 26.37 6.12 -7.94
N ASP C 139 26.71 5.87 -9.22
CA ASP C 139 26.32 6.78 -10.29
C ASP C 139 26.13 6.02 -11.59
N ASN C 140 24.85 5.80 -11.97
CA ASN C 140 24.53 4.93 -13.10
C ASN C 140 24.32 5.74 -14.38
N HIS C 141 24.53 7.06 -14.33
CA HIS C 141 24.08 7.92 -15.42
C HIS C 141 25.22 8.72 -16.06
N SER C 142 26.20 9.14 -15.24
CA SER C 142 27.28 9.97 -15.75
C SER C 142 28.23 9.15 -16.61
N PHE C 143 28.79 9.81 -17.61
CA PHE C 143 29.93 9.27 -18.34
C PHE C 143 31.07 8.99 -17.35
N ASN C 144 31.73 7.84 -17.54
CA ASN C 144 32.78 7.42 -16.66
C ASN C 144 34.06 7.21 -17.49
N GLN C 145 35.06 8.07 -17.25
CA GLN C 145 36.28 8.10 -18.05
C GLN C 145 37.05 6.78 -17.95
N THR C 146 37.06 6.15 -16.77
CA THR C 146 37.76 4.88 -16.58
C THR C 146 37.19 3.83 -17.54
N LEU C 147 35.85 3.77 -17.62
CA LEU C 147 35.21 2.82 -18.51
C LEU C 147 35.45 3.18 -19.97
N PHE C 148 35.47 4.47 -20.28
CA PHE C 148 35.75 4.89 -21.64
C PHE C 148 37.18 4.51 -22.02
N ASP C 149 38.11 4.56 -21.04
CA ASP C 149 39.49 4.13 -21.28
C ASP C 149 39.54 2.66 -21.67
N LYS C 150 38.68 1.84 -21.06
CA LYS C 150 38.60 0.41 -21.40
C LYS C 150 38.02 0.24 -22.81
N PHE C 151 37.03 1.05 -23.16
CA PHE C 151 36.46 1.05 -24.51
C PHE C 151 37.56 1.31 -25.53
N VAL C 152 38.39 2.33 -25.26
CA VAL C 152 39.51 2.67 -26.13
C VAL C 152 40.49 1.51 -26.18
N ASP C 153 40.82 0.96 -25.00
CA ASP C 153 41.77 -0.13 -24.92
C ASP C 153 41.29 -1.32 -25.76
N PHE C 154 40.03 -1.71 -25.60
CA PHE C 154 39.50 -2.84 -26.35
C PHE C 154 39.43 -2.51 -27.84
N SER C 155 39.17 -1.25 -28.20
CA SER C 155 39.19 -0.85 -29.60
C SER C 155 40.60 -0.96 -30.18
N ASN C 156 41.62 -0.60 -29.38
CA ASN C 156 43.01 -0.75 -29.83
C ASN C 156 43.36 -2.22 -29.99
N ARG C 157 42.92 -3.05 -29.05
CA ARG C 157 43.33 -4.45 -28.97
C ARG C 157 42.65 -5.30 -30.04
N TYR C 158 41.39 -4.97 -30.40
CA TYR C 158 40.60 -5.86 -31.24
C TYR C 158 40.05 -5.19 -32.50
N GLY C 159 40.16 -3.85 -32.63
CA GLY C 159 39.53 -3.17 -33.74
C GLY C 159 40.46 -2.21 -34.48
N GLY C 160 41.78 -2.36 -34.31
CA GLY C 160 42.74 -1.52 -35.01
C GLY C 160 42.62 -0.05 -34.60
N GLY C 161 42.12 0.20 -33.39
CA GLY C 161 41.94 1.55 -32.86
C GLY C 161 40.53 2.11 -33.09
N PHE C 162 39.64 1.27 -33.63
CA PHE C 162 38.26 1.62 -33.89
C PHE C 162 37.34 0.61 -33.19
N TYR C 163 36.10 1.03 -32.93
CA TYR C 163 35.10 0.13 -32.38
C TYR C 163 34.36 -0.53 -33.54
N ASN C 164 34.43 -1.85 -33.60
CA ASN C 164 33.71 -2.60 -34.61
C ASN C 164 33.07 -3.82 -33.95
N LEU C 165 32.45 -4.69 -34.75
CA LEU C 165 31.67 -5.79 -34.22
C LEU C 165 32.53 -6.70 -33.34
N THR C 166 33.81 -6.90 -33.72
CA THR C 166 34.69 -7.79 -32.97
C THR C 166 34.94 -7.20 -31.59
N VAL C 167 35.19 -5.89 -31.53
CA VAL C 167 35.40 -5.20 -30.27
C VAL C 167 34.16 -5.35 -29.38
N ALA C 168 32.97 -5.17 -29.98
CA ALA C 168 31.71 -5.24 -29.25
C ALA C 168 31.57 -6.57 -28.51
N GLY C 169 31.86 -7.67 -29.20
CA GLY C 169 31.78 -8.99 -28.60
C GLY C 169 32.70 -9.10 -27.38
N GLU C 170 33.93 -8.60 -27.51
CA GLU C 170 34.93 -8.74 -26.46
C GLU C 170 34.57 -7.81 -25.30
N LEU C 171 34.17 -6.57 -25.59
CA LEU C 171 33.94 -5.60 -24.53
C LEU C 171 32.72 -6.00 -23.70
N ARG C 172 31.66 -6.46 -24.37
CA ARG C 172 30.42 -6.85 -23.69
C ARG C 172 30.73 -7.91 -22.63
N TYR C 173 31.46 -8.95 -23.03
CA TYR C 173 31.79 -10.05 -22.15
C TYR C 173 32.65 -9.56 -20.98
N SER C 174 33.66 -8.76 -21.29
CA SER C 174 34.59 -8.30 -20.28
C SER C 174 33.88 -7.43 -19.25
N ARG C 175 32.89 -6.65 -19.70
CA ARG C 175 32.14 -5.79 -18.80
C ARG C 175 31.26 -6.63 -17.87
N ILE C 176 30.68 -7.71 -18.40
CA ILE C 176 29.94 -8.65 -17.56
C ILE C 176 30.86 -9.19 -16.46
N GLN C 177 32.08 -9.60 -16.84
CA GLN C 177 33.04 -10.15 -15.89
C GLN C 177 33.43 -9.12 -14.83
N ASP C 178 33.65 -7.86 -15.22
CA ASP C 178 33.93 -6.80 -14.25
C ASP C 178 32.83 -6.74 -13.20
N SER C 179 31.56 -6.75 -13.64
CA SER C 179 30.44 -6.63 -12.72
C SER C 179 30.31 -7.87 -11.83
N ILE C 180 30.54 -9.07 -12.38
CA ILE C 180 30.49 -10.28 -11.57
C ILE C 180 31.49 -10.15 -10.41
N ALA C 181 32.72 -9.72 -10.75
CA ALA C 181 33.83 -9.70 -9.82
C ALA C 181 33.68 -8.60 -8.77
N THR C 182 32.96 -7.51 -9.07
CA THR C 182 33.05 -6.33 -8.22
C THR C 182 31.69 -5.87 -7.70
N ASN C 183 30.58 -6.37 -8.24
CA ASN C 183 29.28 -5.84 -7.89
C ASN C 183 28.46 -6.97 -7.28
N PRO C 184 28.28 -7.00 -5.94
CA PRO C 184 27.55 -8.09 -5.31
C PRO C 184 26.05 -8.09 -5.63
N GLU C 185 25.53 -6.96 -6.14
CA GLU C 185 24.13 -6.82 -6.51
C GLU C 185 23.94 -6.93 -8.04
N PHE C 186 24.97 -7.38 -8.76
CA PHE C 186 24.93 -7.50 -10.21
C PHE C 186 23.74 -8.35 -10.68
N GLN C 187 22.92 -7.77 -11.57
CA GLN C 187 21.80 -8.44 -12.20
C GLN C 187 21.95 -8.31 -13.71
N PHE C 188 21.67 -9.40 -14.43
CA PHE C 188 21.79 -9.39 -15.88
C PHE C 188 20.72 -10.31 -16.47
N LYS C 189 19.46 -9.93 -16.27
CA LYS C 189 18.35 -10.76 -16.70
C LYS C 189 17.18 -9.89 -17.19
N ASN C 190 16.15 -10.56 -17.72
CA ASN C 190 14.94 -9.89 -18.19
C ASN C 190 15.27 -8.73 -19.11
N VAL C 191 14.80 -7.51 -18.81
CA VAL C 191 14.97 -6.41 -19.77
C VAL C 191 16.46 -6.20 -20.05
N ARG C 192 17.28 -6.14 -18.99
CA ARG C 192 18.67 -5.76 -19.15
C ARG C 192 19.41 -6.74 -20.07
N PHE C 193 19.09 -8.02 -19.95
CA PHE C 193 19.80 -9.03 -20.71
C PHE C 193 19.60 -8.77 -22.20
N ILE C 194 18.37 -8.35 -22.57
CA ILE C 194 18.07 -8.12 -23.98
C ILE C 194 18.69 -6.80 -24.43
N THR C 195 18.51 -5.73 -23.66
CA THR C 195 18.95 -4.40 -24.09
C THR C 195 20.48 -4.29 -24.11
N ALA C 196 21.18 -5.09 -23.29
CA ALA C 196 22.63 -4.96 -23.18
C ALA C 196 23.35 -5.40 -24.45
N TYR C 197 22.74 -6.31 -25.23
CA TYR C 197 23.39 -6.76 -26.46
C TYR C 197 23.14 -5.73 -27.56
N GLY C 198 21.91 -5.25 -27.68
CA GLY C 198 21.59 -4.24 -28.67
C GLY C 198 22.42 -2.96 -28.48
N GLU C 199 22.60 -2.52 -27.23
CA GLU C 199 23.30 -1.27 -26.97
CA GLU C 199 23.32 -1.30 -26.93
C GLU C 199 24.74 -1.36 -27.48
N THR C 200 25.32 -2.57 -27.55
CA THR C 200 26.73 -2.67 -27.94
C THR C 200 26.90 -2.59 -29.45
N VAL C 201 25.82 -2.75 -30.24
CA VAL C 201 25.91 -2.59 -31.69
C VAL C 201 25.36 -1.24 -32.15
N PHE C 202 24.58 -0.55 -31.31
CA PHE C 202 24.08 0.76 -31.70
C PHE C 202 25.23 1.68 -32.12
N PRO C 203 26.41 1.71 -31.47
CA PRO C 203 27.49 2.58 -31.92
C PRO C 203 27.95 2.28 -33.34
N ILE C 204 27.88 1.01 -33.76
CA ILE C 204 28.26 0.63 -35.11
C ILE C 204 27.15 1.02 -36.09
N ASN C 205 25.90 0.68 -35.75
CA ASN C 205 24.80 0.81 -36.71
C ASN C 205 24.34 2.25 -36.82
N LEU C 206 24.46 3.04 -35.74
CA LEU C 206 23.85 4.34 -35.68
C LEU C 206 24.84 5.48 -35.46
N PHE C 207 26.00 5.24 -34.84
CA PHE C 207 26.94 6.31 -34.56
C PHE C 207 27.99 6.44 -35.66
N VAL C 208 28.14 5.42 -36.49
CA VAL C 208 28.98 5.50 -37.67
C VAL C 208 28.20 6.21 -38.77
N ASP C 209 28.90 7.12 -39.45
CA ASP C 209 28.31 7.96 -40.47
C ASP C 209 27.64 7.11 -41.54
N GLY C 210 26.46 7.54 -41.99
CA GLY C 210 25.67 6.75 -42.93
C GLY C 210 26.27 6.71 -44.34
N ARG C 211 27.25 7.57 -44.65
CA ARG C 211 27.97 7.53 -45.91
C ARG C 211 29.01 6.42 -45.91
N VAL C 212 29.29 5.82 -44.76
CA VAL C 212 30.24 4.71 -44.70
C VAL C 212 29.47 3.40 -44.95
N THR C 213 29.73 2.78 -46.10
CA THR C 213 28.97 1.64 -46.57
C THR C 213 29.68 0.33 -46.23
N THR C 214 31.01 0.37 -46.12
CA THR C 214 31.80 -0.84 -45.96
C THR C 214 32.68 -0.73 -44.70
N ASP C 215 32.82 -1.85 -43.98
CA ASP C 215 33.76 -1.94 -42.87
C ASP C 215 33.40 -0.85 -41.86
N ARG C 216 32.17 -0.91 -41.34
CA ARG C 216 31.67 0.14 -40.48
C ARG C 216 32.35 0.04 -39.11
N LYS C 217 32.93 1.15 -38.67
CA LYS C 217 33.71 1.18 -37.45
C LYS C 217 33.71 2.61 -36.90
N LEU C 218 33.74 2.75 -35.58
CA LEU C 218 33.61 4.06 -34.95
C LEU C 218 34.96 4.53 -34.41
N SER C 219 35.35 5.77 -34.74
CA SER C 219 36.57 6.36 -34.22
C SER C 219 36.39 6.74 -32.74
N MET C 220 37.50 6.87 -32.01
CA MET C 220 37.44 7.18 -30.61
C MET C 220 37.04 8.63 -30.42
N GLU C 221 37.36 9.49 -31.38
CA GLU C 221 36.97 10.89 -31.35
C GLU C 221 35.44 11.01 -31.42
N ASP C 222 34.84 10.28 -32.35
CA ASP C 222 33.40 10.28 -32.53
C ASP C 222 32.72 9.65 -31.31
N ALA C 223 33.27 8.55 -30.81
CA ALA C 223 32.76 7.93 -29.59
C ALA C 223 32.74 8.92 -28.43
N ALA C 224 33.84 9.64 -28.21
CA ALA C 224 33.91 10.54 -27.06
C ALA C 224 32.90 11.66 -27.23
N SER C 225 32.82 12.17 -28.46
CA SER C 225 31.93 13.26 -28.78
C SER C 225 30.49 12.90 -28.37
N ILE C 226 30.05 11.68 -28.68
CA ILE C 226 28.66 11.28 -28.44
C ILE C 226 28.48 10.83 -26.99
N PHE C 227 29.30 9.89 -26.52
CA PHE C 227 29.16 9.31 -25.20
C PHE C 227 29.44 10.32 -24.09
N ARG C 228 30.41 11.22 -24.29
CA ARG C 228 30.77 12.17 -23.24
C ARG C 228 30.08 13.49 -23.51
N ASP C 229 30.26 14.05 -24.71
CA ASP C 229 29.88 15.45 -24.92
C ASP C 229 28.47 15.62 -25.46
N MET C 230 27.80 14.51 -25.81
CA MET C 230 26.41 14.56 -26.28
CA MET C 230 26.42 14.57 -26.28
C MET C 230 26.35 15.37 -27.57
N ARG C 231 27.35 15.17 -28.45
CA ARG C 231 27.54 15.99 -29.64
CA ARG C 231 27.51 15.98 -29.63
C ARG C 231 27.77 15.09 -30.85
N PHE C 232 27.00 15.33 -31.91
CA PHE C 232 27.26 14.68 -33.18
C PHE C 232 28.66 15.03 -33.68
N PRO C 233 29.37 14.10 -34.32
CA PRO C 233 30.54 14.46 -35.12
C PRO C 233 30.22 15.58 -36.10
N ASP C 234 31.22 16.39 -36.44
CA ASP C 234 31.08 17.42 -37.46
C ASP C 234 30.54 16.77 -38.74
N ASP C 235 29.56 17.41 -39.37
CA ASP C 235 29.04 16.98 -40.66
C ASP C 235 28.40 15.58 -40.58
N PHE C 236 27.90 15.18 -39.40
CA PHE C 236 27.42 13.82 -39.23
C PHE C 236 26.18 13.56 -40.10
N HIS C 237 26.23 12.46 -40.86
CA HIS C 237 25.09 11.97 -41.62
C HIS C 237 24.60 10.68 -40.98
N ARG C 238 23.30 10.60 -40.71
CA ARG C 238 22.71 9.42 -40.09
C ARG C 238 22.78 8.22 -41.02
N SER C 239 22.60 7.03 -40.44
CA SER C 239 22.44 5.77 -41.15
C SER C 239 21.57 5.96 -42.39
N ALA C 240 21.98 5.28 -43.47
CA ALA C 240 21.31 5.35 -44.76
C ALA C 240 20.04 4.50 -44.78
N VAL C 241 19.83 3.66 -43.76
CA VAL C 241 18.64 2.83 -43.62
C VAL C 241 18.20 2.84 -42.15
N PRO C 242 16.89 2.65 -41.87
CA PRO C 242 16.43 2.43 -40.49
C PRO C 242 17.24 1.28 -39.90
N ALA C 243 17.69 1.45 -38.66
CA ALA C 243 18.52 0.42 -38.07
C ALA C 243 18.32 0.41 -36.57
N SER C 244 18.79 -0.68 -35.96
CA SER C 244 18.71 -0.88 -34.52
C SER C 244 19.80 -1.86 -34.11
N ASN C 245 19.42 -3.12 -33.89
CA ASN C 245 20.28 -4.06 -33.19
C ASN C 245 20.87 -5.12 -34.12
N GLU C 246 21.05 -4.79 -35.41
CA GLU C 246 21.71 -5.70 -36.34
C GLU C 246 23.11 -6.06 -35.79
N GLY C 247 23.38 -7.37 -35.71
CA GLY C 247 24.68 -7.88 -35.28
C GLY C 247 24.70 -8.29 -33.81
N ALA C 248 23.63 -7.97 -33.05
CA ALA C 248 23.62 -8.27 -31.62
C ALA C 248 23.74 -9.79 -31.39
N ASP C 249 23.13 -10.58 -32.27
CA ASP C 249 23.22 -12.03 -32.23
C ASP C 249 24.69 -12.50 -32.27
N GLN C 250 25.51 -11.83 -33.09
CA GLN C 250 26.91 -12.21 -33.23
C GLN C 250 27.70 -11.84 -31.99
N VAL C 251 27.30 -10.77 -31.31
CA VAL C 251 27.97 -10.33 -30.09
C VAL C 251 27.77 -11.40 -29.01
N LEU C 252 26.53 -11.90 -28.89
CA LEU C 252 26.23 -12.98 -27.96
C LEU C 252 26.99 -14.25 -28.35
N ALA C 253 27.00 -14.59 -29.64
CA ALA C 253 27.62 -15.83 -30.11
C ALA C 253 29.12 -15.86 -29.84
N ALA C 254 29.79 -14.70 -29.85
CA ALA C 254 31.22 -14.61 -29.58
C ALA C 254 31.56 -15.06 -28.15
N HIS C 255 30.64 -14.84 -27.20
CA HIS C 255 30.82 -15.28 -25.83
C HIS C 255 29.46 -15.65 -25.23
N PRO C 256 28.93 -16.85 -25.54
CA PRO C 256 27.61 -17.27 -25.08
C PRO C 256 27.41 -16.99 -23.60
N TRP C 257 26.22 -16.47 -23.26
CA TRP C 257 25.96 -16.05 -21.90
C TRP C 257 24.47 -16.20 -21.60
N VAL C 258 24.18 -16.49 -20.34
CA VAL C 258 22.84 -16.85 -19.92
C VAL C 258 22.39 -15.84 -18.88
N PRO C 259 21.13 -15.38 -18.94
CA PRO C 259 20.63 -14.40 -17.98
C PRO C 259 20.74 -14.94 -16.55
N GLY C 260 21.00 -14.04 -15.61
CA GLY C 260 21.14 -14.40 -14.21
C GLY C 260 21.63 -13.20 -13.41
N GLY C 261 22.40 -13.49 -12.35
CA GLY C 261 22.93 -12.47 -11.46
C GLY C 261 23.78 -13.09 -10.36
N ASN C 262 24.52 -12.24 -9.64
CA ASN C 262 25.19 -12.64 -8.42
C ASN C 262 24.15 -12.89 -7.33
N ALA C 263 24.16 -14.08 -6.74
CA ALA C 263 23.20 -14.41 -5.68
C ALA C 263 23.76 -14.03 -4.30
N ASP C 264 22.84 -13.72 -3.37
CA ASP C 264 23.09 -13.64 -1.95
C ASP C 264 24.12 -12.56 -1.62
N ASN C 265 24.09 -11.46 -2.36
CA ASN C 265 24.87 -10.27 -2.04
C ASN C 265 26.36 -10.62 -1.98
N GLN C 266 26.82 -11.47 -2.90
CA GLN C 266 28.22 -11.86 -2.98
C GLN C 266 28.74 -11.72 -4.40
N VAL C 267 30.01 -11.30 -4.52
CA VAL C 267 30.68 -11.27 -5.82
C VAL C 267 31.07 -12.69 -6.23
N ASN C 268 31.48 -12.83 -7.48
CA ASN C 268 31.87 -14.10 -8.10
C ASN C 268 30.90 -15.21 -7.72
N ASN C 269 29.60 -14.93 -7.83
CA ASN C 269 28.59 -15.89 -7.41
C ASN C 269 27.41 -15.83 -8.39
N TYR C 270 27.71 -15.99 -9.68
CA TYR C 270 26.72 -15.79 -10.74
C TYR C 270 25.88 -17.05 -10.92
N VAL C 271 24.56 -16.91 -10.73
CA VAL C 271 23.62 -18.01 -10.88
C VAL C 271 22.66 -17.70 -12.04
N GLU C 272 22.48 -18.68 -12.94
CA GLU C 272 21.60 -18.56 -14.08
CA GLU C 272 21.58 -18.60 -14.08
C GLU C 272 20.15 -18.48 -13.60
N ASP C 273 19.32 -17.72 -14.34
CA ASP C 273 17.88 -17.64 -14.13
C ASP C 273 17.18 -18.24 -15.34
N PRO C 274 16.63 -19.47 -15.25
CA PRO C 274 16.00 -20.13 -16.40
C PRO C 274 14.65 -19.55 -16.83
N ASP C 275 14.01 -18.78 -15.93
CA ASP C 275 12.71 -18.16 -16.19
C ASP C 275 12.82 -16.82 -16.93
N SER C 276 14.04 -16.27 -17.04
CA SER C 276 14.26 -14.98 -17.67
C SER C 276 13.99 -15.04 -19.16
N ALA C 277 13.58 -13.90 -19.73
CA ALA C 277 13.64 -13.73 -21.16
C ALA C 277 15.06 -13.98 -21.66
N ASP C 278 15.15 -14.41 -22.91
CA ASP C 278 16.39 -14.48 -23.65
C ASP C 278 16.02 -14.28 -25.13
N PHE C 279 16.99 -14.45 -26.03
CA PHE C 279 16.79 -14.08 -27.42
C PHE C 279 15.90 -15.07 -28.17
N THR C 280 15.64 -16.26 -27.61
CA THR C 280 14.67 -17.16 -28.22
C THR C 280 13.38 -17.19 -27.39
N HIS C 281 13.26 -16.32 -26.37
CA HIS C 281 12.07 -16.26 -25.54
C HIS C 281 11.73 -14.79 -25.25
N LEU C 282 11.54 -14.01 -26.33
CA LEU C 282 11.38 -12.58 -26.22
C LEU C 282 10.04 -12.23 -25.58
N CYS C 283 9.01 -13.04 -25.79
CA CYS C 283 7.68 -12.70 -25.28
C CYS C 283 7.67 -12.72 -23.75
N ARG C 284 8.62 -13.44 -23.13
CA ARG C 284 8.75 -13.39 -21.69
C ARG C 284 9.04 -11.96 -21.22
N LEU C 285 9.78 -11.19 -22.05
CA LEU C 285 10.10 -9.83 -21.70
C LEU C 285 8.81 -9.01 -21.66
N TYR C 286 7.95 -9.21 -22.64
CA TYR C 286 6.67 -8.50 -22.71
C TYR C 286 5.85 -8.81 -21.46
N GLU C 287 5.71 -10.10 -21.12
CA GLU C 287 4.90 -10.50 -19.98
C GLU C 287 5.50 -9.96 -18.68
N PHE C 288 6.83 -10.04 -18.56
CA PHE C 288 7.53 -9.55 -17.38
C PHE C 288 7.24 -8.07 -17.17
N VAL C 289 7.33 -7.26 -18.23
CA VAL C 289 7.17 -5.84 -18.10
C VAL C 289 5.72 -5.49 -17.79
N VAL C 290 4.76 -6.22 -18.38
CA VAL C 290 3.37 -5.96 -18.06
C VAL C 290 3.12 -6.21 -16.56
N GLY C 291 3.73 -7.27 -16.03
CA GLY C 291 3.73 -7.56 -14.59
C GLY C 291 4.34 -6.41 -13.79
N SER C 292 5.47 -5.88 -14.26
CA SER C 292 6.11 -4.77 -13.57
C SER C 292 5.17 -3.55 -13.54
N VAL C 293 4.49 -3.29 -14.65
CA VAL C 293 3.59 -2.15 -14.70
C VAL C 293 2.45 -2.34 -13.70
N GLN C 294 1.97 -3.58 -13.54
CA GLN C 294 0.88 -3.83 -12.61
C GLN C 294 1.33 -3.59 -11.17
N GLU C 295 2.61 -3.86 -10.86
CA GLU C 295 3.15 -3.60 -9.53
C GLU C 295 3.22 -2.11 -9.25
N LEU C 296 3.58 -1.31 -10.28
CA LEU C 296 3.61 0.14 -10.15
C LEU C 296 2.21 0.72 -10.01
N TYR C 297 1.23 0.10 -10.71
CA TYR C 297 -0.11 0.66 -10.81
C TYR C 297 -1.12 -0.45 -10.49
N PRO C 298 -1.29 -0.79 -9.19
CA PRO C 298 -2.13 -1.92 -8.78
C PRO C 298 -3.60 -1.81 -9.11
N ASN C 299 -4.18 -0.60 -9.03
CA ASN C 299 -5.61 -0.46 -9.16
C ASN C 299 -5.99 0.92 -9.67
N PRO C 300 -5.54 1.32 -10.89
CA PRO C 300 -5.81 2.67 -11.38
C PRO C 300 -7.25 2.84 -11.85
N THR C 301 -7.73 4.08 -11.81
CA THR C 301 -9.02 4.45 -12.35
C THR C 301 -8.87 5.76 -13.11
N GLY C 302 -9.95 6.20 -13.77
CA GLY C 302 -9.99 7.52 -14.39
C GLY C 302 -8.97 7.67 -15.53
N ILE C 303 -8.39 8.87 -15.63
CA ILE C 303 -7.47 9.23 -16.70
C ILE C 303 -6.20 8.37 -16.60
N LEU C 304 -5.75 8.06 -15.38
CA LEU C 304 -4.56 7.24 -15.23
C LEU C 304 -4.80 5.86 -15.84
N ARG C 305 -5.96 5.24 -15.56
CA ARG C 305 -6.27 3.95 -16.13
CA ARG C 305 -6.30 3.95 -16.13
C ARG C 305 -6.33 4.05 -17.66
N ARG C 306 -7.00 5.06 -18.17
CA ARG C 306 -7.15 5.25 -19.61
C ARG C 306 -5.79 5.36 -20.27
N ASN C 307 -4.90 6.18 -19.70
CA ASN C 307 -3.60 6.43 -20.29
C ASN C 307 -2.70 5.20 -20.18
N LEU C 308 -2.88 4.41 -19.12
CA LEU C 308 -2.16 3.13 -19.01
C LEU C 308 -2.59 2.18 -20.14
N ILE C 309 -3.89 2.08 -20.36
CA ILE C 309 -4.42 1.16 -21.36
C ILE C 309 -3.86 1.55 -22.74
N LYS C 310 -3.87 2.85 -23.03
CA LYS C 310 -3.37 3.34 -24.31
C LYS C 310 -1.89 3.07 -24.49
N ASN C 311 -1.09 3.40 -23.49
CA ASN C 311 0.36 3.26 -23.58
C ASN C 311 0.74 1.79 -23.68
N LEU C 312 0.03 0.92 -22.96
CA LEU C 312 0.31 -0.51 -23.03
C LEU C 312 0.05 -1.01 -24.45
N HIS C 313 -1.05 -0.56 -25.05
CA HIS C 313 -1.38 -0.94 -26.42
C HIS C 313 -0.32 -0.42 -27.39
N TYR C 314 0.08 0.85 -27.27
CA TYR C 314 1.10 1.41 -28.13
C TYR C 314 2.37 0.56 -28.06
N TRP C 315 2.77 0.20 -26.84
CA TRP C 315 3.96 -0.60 -26.64
C TRP C 315 3.81 -1.94 -27.37
N TRP C 316 2.67 -2.58 -27.20
CA TRP C 316 2.42 -3.86 -27.83
C TRP C 316 2.54 -3.76 -29.36
N THR C 317 2.10 -2.65 -29.96
CA THR C 317 2.19 -2.52 -31.42
C THR C 317 3.65 -2.66 -31.87
N GLY C 318 4.59 -2.13 -31.10
CA GLY C 318 6.00 -2.32 -31.41
C GLY C 318 6.50 -3.73 -31.08
N VAL C 319 6.11 -4.23 -29.90
CA VAL C 319 6.56 -5.54 -29.44
C VAL C 319 6.13 -6.60 -30.44
N ASN C 320 4.88 -6.51 -30.93
CA ASN C 320 4.34 -7.55 -31.78
C ASN C 320 5.21 -7.76 -33.01
N VAL C 321 5.72 -6.67 -33.57
CA VAL C 321 6.58 -6.75 -34.74
C VAL C 321 8.00 -7.09 -34.29
N ALA C 322 8.56 -6.34 -33.35
CA ALA C 322 9.97 -6.51 -33.02
C ALA C 322 10.27 -7.90 -32.45
N PHE C 323 9.31 -8.50 -31.74
CA PHE C 323 9.57 -9.76 -31.07
C PHE C 323 9.00 -10.93 -31.87
N GLY C 324 8.43 -10.67 -33.04
CA GLY C 324 7.99 -11.74 -33.91
C GLY C 324 6.69 -12.39 -33.45
N GLY C 325 5.80 -11.60 -32.81
CA GLY C 325 4.45 -12.03 -32.49
C GLY C 325 4.30 -12.37 -31.01
N CYS C 326 3.51 -11.58 -30.28
CA CYS C 326 3.21 -11.84 -28.87
C CYS C 326 1.72 -11.57 -28.69
N ASP C 327 1.05 -12.41 -27.91
CA ASP C 327 -0.35 -12.20 -27.60
C ASP C 327 -0.45 -11.01 -26.65
N GLU C 328 -1.30 -10.06 -27.01
CA GLU C 328 -1.47 -8.86 -26.22
C GLU C 328 -2.15 -9.20 -24.90
N LEU C 329 -1.71 -8.56 -23.81
CA LEU C 329 -2.32 -8.67 -22.49
C LEU C 329 -3.13 -7.41 -22.20
N PHE C 330 -4.21 -7.57 -21.42
CA PHE C 330 -5.13 -6.50 -21.09
C PHE C 330 -5.29 -6.39 -19.59
N PRO C 331 -4.25 -5.98 -18.84
CA PRO C 331 -4.32 -5.96 -17.37
C PRO C 331 -5.40 -5.02 -16.82
N TYR C 332 -5.80 -4.02 -17.60
CA TYR C 332 -6.79 -3.05 -17.17
C TYR C 332 -8.03 -3.05 -18.06
N GLY C 333 -8.21 -4.13 -18.83
CA GLY C 333 -9.35 -4.23 -19.74
C GLY C 333 -9.19 -3.31 -20.95
N GLN C 334 -10.31 -2.79 -21.45
CA GLN C 334 -10.36 -2.01 -22.68
C GLN C 334 -10.96 -0.64 -22.36
N LEU C 335 -10.80 0.31 -23.28
CA LEU C 335 -11.34 1.65 -23.11
C LEU C 335 -12.89 1.64 -23.10
#